data_5YVX
# 
_entry.id   5YVX 
# 
_audit_conform.dict_name       mmcif_pdbx.dic 
_audit_conform.dict_version    5.403 
_audit_conform.dict_location   http://mmcif.pdb.org/dictionaries/ascii/mmcif_pdbx.dic 
# 
loop_
_database_2.database_id 
_database_2.database_code 
_database_2.pdbx_database_accession 
_database_2.pdbx_DOI 
PDB   5YVX         pdb_00005yvx 10.2210/pdb5yvx/pdb 
WWPDB D_1300005913 ?            ?                   
# 
loop_
_pdbx_audit_revision_history.ordinal 
_pdbx_audit_revision_history.data_content_type 
_pdbx_audit_revision_history.major_revision 
_pdbx_audit_revision_history.minor_revision 
_pdbx_audit_revision_history.revision_date 
_pdbx_audit_revision_history.part_number 
1 'Structure model' 1 0 2018-03-14 ? 
2 'Structure model' 1 1 2018-05-09 ? 
3 'Structure model' 1 2 2025-04-09 ? 
# 
_pdbx_audit_revision_details.ordinal             1 
_pdbx_audit_revision_details.revision_ordinal    1 
_pdbx_audit_revision_details.data_content_type   'Structure model' 
_pdbx_audit_revision_details.provider            repository 
_pdbx_audit_revision_details.type                'Initial release' 
_pdbx_audit_revision_details.description         ? 
_pdbx_audit_revision_details.details             ? 
# 
loop_
_pdbx_audit_revision_group.ordinal 
_pdbx_audit_revision_group.revision_ordinal 
_pdbx_audit_revision_group.data_content_type 
_pdbx_audit_revision_group.group 
1 2 'Structure model' 'Data collection'      
2 2 'Structure model' 'Database references'  
3 3 'Structure model' 'Data collection'      
4 3 'Structure model' 'Database references'  
5 3 'Structure model' 'Derived calculations' 
6 3 'Structure model' 'Structure summary'    
# 
loop_
_pdbx_audit_revision_category.ordinal 
_pdbx_audit_revision_category.revision_ordinal 
_pdbx_audit_revision_category.data_content_type 
_pdbx_audit_revision_category.category 
1 2 'Structure model' citation                  
2 3 'Structure model' chem_comp_atom            
3 3 'Structure model' chem_comp_bond            
4 3 'Structure model' database_2                
5 3 'Structure model' pdbx_entry_details        
6 3 'Structure model' pdbx_modification_feature 
7 3 'Structure model' struct_conn               
8 3 'Structure model' struct_conn_type          
# 
loop_
_pdbx_audit_revision_item.ordinal 
_pdbx_audit_revision_item.revision_ordinal 
_pdbx_audit_revision_item.data_content_type 
_pdbx_audit_revision_item.item 
1  2 'Structure model' '_citation.journal_volume'             
2  2 'Structure model' '_citation.page_first'                 
3  2 'Structure model' '_citation.page_last'                  
4  2 'Structure model' '_citation.title'                      
5  3 'Structure model' '_database_2.pdbx_DOI'                 
6  3 'Structure model' '_database_2.pdbx_database_accession'  
7  3 'Structure model' '_struct_conn.conn_type_id'            
8  3 'Structure model' '_struct_conn.id'                      
9  3 'Structure model' '_struct_conn.pdbx_dist_value'         
10 3 'Structure model' '_struct_conn.pdbx_leaving_atom_flag'  
11 3 'Structure model' '_struct_conn.pdbx_ptnr2_label_alt_id' 
12 3 'Structure model' '_struct_conn.ptnr1_auth_asym_id'      
13 3 'Structure model' '_struct_conn.ptnr1_auth_comp_id'      
14 3 'Structure model' '_struct_conn.ptnr1_auth_seq_id'       
15 3 'Structure model' '_struct_conn.ptnr1_label_asym_id'     
16 3 'Structure model' '_struct_conn.ptnr1_label_atom_id'     
17 3 'Structure model' '_struct_conn.ptnr1_label_comp_id'     
18 3 'Structure model' '_struct_conn.ptnr1_label_seq_id'      
19 3 'Structure model' '_struct_conn.ptnr2_auth_asym_id'      
20 3 'Structure model' '_struct_conn.ptnr2_auth_comp_id'      
21 3 'Structure model' '_struct_conn.ptnr2_auth_seq_id'       
22 3 'Structure model' '_struct_conn.ptnr2_label_asym_id'     
23 3 'Structure model' '_struct_conn.ptnr2_label_atom_id'     
24 3 'Structure model' '_struct_conn.ptnr2_label_comp_id'     
25 3 'Structure model' '_struct_conn.ptnr2_label_seq_id'      
26 3 'Structure model' '_struct_conn_type.id'                 
# 
_pdbx_database_status.status_code                     REL 
_pdbx_database_status.status_code_sf                  REL 
_pdbx_database_status.status_code_mr                  ? 
_pdbx_database_status.entry_id                        5YVX 
_pdbx_database_status.recvd_initial_deposition_date   2017-11-27 
_pdbx_database_status.SG_entry                        N 
_pdbx_database_status.deposit_site                    PDBJ 
_pdbx_database_status.process_site                    PDBJ 
_pdbx_database_status.status_code_cs                  ? 
_pdbx_database_status.methods_development_category    ? 
_pdbx_database_status.pdb_format_compatible           Y 
_pdbx_database_status.status_code_nmr_data            ? 
# 
loop_
_audit_author.name 
_audit_author.pdbx_ordinal 
_audit_author.identifier_ORCID 
'Liu, Y.'   1 ? 
'Huang, Y.' 2 ? 
# 
_citation.abstract                  ? 
_citation.abstract_id_CAS           ? 
_citation.book_id_ISBN              ? 
_citation.book_publisher            ? 
_citation.book_publisher_city       ? 
_citation.book_title                ? 
_citation.coordinate_linkage        ? 
_citation.country                   US 
_citation.database_id_Medline       ? 
_citation.details                   ? 
_citation.id                        primary 
_citation.journal_abbrev            'J. Biol. Chem.' 
_citation.journal_id_ASTM           JBCHA3 
_citation.journal_id_CSD            0071 
_citation.journal_id_ISSN           1083-351X 
_citation.journal_full              ? 
_citation.journal_issue             ? 
_citation.journal_volume            293 
_citation.language                  ? 
_citation.page_first                6470 
_citation.page_last                 6481 
_citation.title                     
;Uncovering the mechanistic basis for specific recognition of monomethylated H3K4 by the CW domain ofArabidopsishistone methyltransferase SDG8.
;
_citation.year                      2018 
_citation.database_id_CSD           ? 
_citation.pdbx_database_id_DOI      10.1074/jbc.RA117.001390 
_citation.pdbx_database_id_PubMed   29496997 
_citation.unpublished_flag          ? 
# 
loop_
_citation_author.citation_id 
_citation_author.name 
_citation_author.ordinal 
_citation_author.identifier_ORCID 
primary 'Liu, Y.'   1 ? 
primary 'Huang, Y.' 2 ? 
# 
loop_
_entity.id 
_entity.type 
_entity.src_method 
_entity.pdbx_description 
_entity.formula_weight 
_entity.pdbx_number_of_molecules 
_entity.pdbx_ec 
_entity.pdbx_mutation 
_entity.pdbx_fragment 
_entity.details 
1 polymer     man 'Histone-lysine N-methyltransferase ASHH2' 6909.692 1  2.1.1.43 E917A ? ? 
2 polymer     syn H3K4me1                                    1076.273 1  ?        ?     ? ? 
3 non-polymer syn 'ZINC ION'                                 65.409   1  ?        ?     ? ? 
4 water       nat water                                      18.015   84 ?        ?     ? ? 
# 
_entity_name_com.entity_id   1 
_entity_name_com.name        
;ASH1 homolog 2,H3-K4-HMTase,Histone H3-K36 methyltransferase 8,H3-K36-HMTase 8,Protein EARLY FLOWERING IN SHORT DAYS,Protein LAZARUS 2,Protein SET DOMAIN GROUP 8
;
# 
loop_
_entity_poly.entity_id 
_entity_poly.type 
_entity_poly.nstd_linkage 
_entity_poly.nstd_monomer 
_entity_poly.pdbx_seq_one_letter_code 
_entity_poly.pdbx_seq_one_letter_code_can 
_entity_poly.pdbx_strand_id 
_entity_poly.pdbx_target_identifier 
1 'polypeptide(L)' no no  ESAWVRCDDCFKWRRIPASVVGSIDESSRWICMNNSDKRFADCSKSQEMSNEEINAELGI 
ESAWVRCDDCFKWRRIPASVVGSIDESSRWICMNNSDKRFADCSKSQEMSNEEINAELGI A ? 
2 'polypeptide(L)' no yes 'ART(MLZ)QTARK'                                              ARTKQTARK C ? 
# 
loop_
_pdbx_entity_nonpoly.entity_id 
_pdbx_entity_nonpoly.name 
_pdbx_entity_nonpoly.comp_id 
3 'ZINC ION' ZN  
4 water      HOH 
# 
loop_
_entity_poly_seq.entity_id 
_entity_poly_seq.num 
_entity_poly_seq.mon_id 
_entity_poly_seq.hetero 
1 1  GLU n 
1 2  SER n 
1 3  ALA n 
1 4  TRP n 
1 5  VAL n 
1 6  ARG n 
1 7  CYS n 
1 8  ASP n 
1 9  ASP n 
1 10 CYS n 
1 11 PHE n 
1 12 LYS n 
1 13 TRP n 
1 14 ARG n 
1 15 ARG n 
1 16 ILE n 
1 17 PRO n 
1 18 ALA n 
1 19 SER n 
1 20 VAL n 
1 21 VAL n 
1 22 GLY n 
1 23 SER n 
1 24 ILE n 
1 25 ASP n 
1 26 GLU n 
1 27 SER n 
1 28 SER n 
1 29 ARG n 
1 30 TRP n 
1 31 ILE n 
1 32 CYS n 
1 33 MET n 
1 34 ASN n 
1 35 ASN n 
1 36 SER n 
1 37 ASP n 
1 38 LYS n 
1 39 ARG n 
1 40 PHE n 
1 41 ALA n 
1 42 ASP n 
1 43 CYS n 
1 44 SER n 
1 45 LYS n 
1 46 SER n 
1 47 GLN n 
1 48 GLU n 
1 49 MET n 
1 50 SER n 
1 51 ASN n 
1 52 GLU n 
1 53 GLU n 
1 54 ILE n 
1 55 ASN n 
1 56 ALA n 
1 57 GLU n 
1 58 LEU n 
1 59 GLY n 
1 60 ILE n 
2 1  ALA n 
2 2  ARG n 
2 3  THR n 
2 4  MLZ n 
2 5  GLN n 
2 6  THR n 
2 7  ALA n 
2 8  ARG n 
2 9  LYS n 
# 
_entity_src_gen.entity_id                          1 
_entity_src_gen.pdbx_src_id                        1 
_entity_src_gen.pdbx_alt_source_flag               sample 
_entity_src_gen.pdbx_seq_type                      'Biological sequence' 
_entity_src_gen.pdbx_beg_seq_num                   1 
_entity_src_gen.pdbx_end_seq_num                   60 
_entity_src_gen.gene_src_common_name               'Mouse-ear cress' 
_entity_src_gen.gene_src_genus                     ? 
_entity_src_gen.pdbx_gene_src_gene                 'ASHH2, EFS, LAZ2, SDG8, SET8, At1g77300, T14N5.15' 
_entity_src_gen.gene_src_species                   ? 
_entity_src_gen.gene_src_strain                    ? 
_entity_src_gen.gene_src_tissue                    ? 
_entity_src_gen.gene_src_tissue_fraction           ? 
_entity_src_gen.gene_src_details                   ? 
_entity_src_gen.pdbx_gene_src_fragment             ? 
_entity_src_gen.pdbx_gene_src_scientific_name      'Arabidopsis thaliana' 
_entity_src_gen.pdbx_gene_src_ncbi_taxonomy_id     3702 
_entity_src_gen.pdbx_gene_src_variant              ? 
_entity_src_gen.pdbx_gene_src_cell_line            ? 
_entity_src_gen.pdbx_gene_src_atcc                 ? 
_entity_src_gen.pdbx_gene_src_organ                ? 
_entity_src_gen.pdbx_gene_src_organelle            ? 
_entity_src_gen.pdbx_gene_src_cell                 ? 
_entity_src_gen.pdbx_gene_src_cellular_location    ? 
_entity_src_gen.host_org_common_name               ? 
_entity_src_gen.pdbx_host_org_scientific_name      'Escherichia coli' 
_entity_src_gen.pdbx_host_org_ncbi_taxonomy_id     562 
_entity_src_gen.host_org_genus                     ? 
_entity_src_gen.pdbx_host_org_gene                 ? 
_entity_src_gen.pdbx_host_org_organ                ? 
_entity_src_gen.host_org_species                   ? 
_entity_src_gen.pdbx_host_org_tissue               ? 
_entity_src_gen.pdbx_host_org_tissue_fraction      ? 
_entity_src_gen.pdbx_host_org_strain               ? 
_entity_src_gen.pdbx_host_org_variant              ? 
_entity_src_gen.pdbx_host_org_cell_line            ? 
_entity_src_gen.pdbx_host_org_atcc                 ? 
_entity_src_gen.pdbx_host_org_culture_collection   ? 
_entity_src_gen.pdbx_host_org_cell                 ? 
_entity_src_gen.pdbx_host_org_organelle            ? 
_entity_src_gen.pdbx_host_org_cellular_location    ? 
_entity_src_gen.pdbx_host_org_vector_type          ? 
_entity_src_gen.pdbx_host_org_vector               ? 
_entity_src_gen.host_org_details                   ? 
_entity_src_gen.expression_system_id               ? 
_entity_src_gen.plasmid_name                       ? 
_entity_src_gen.plasmid_details                    ? 
_entity_src_gen.pdbx_description                   ? 
# 
_pdbx_entity_src_syn.entity_id              2 
_pdbx_entity_src_syn.pdbx_src_id            1 
_pdbx_entity_src_syn.pdbx_alt_source_flag   sample 
_pdbx_entity_src_syn.pdbx_beg_seq_num       1 
_pdbx_entity_src_syn.pdbx_end_seq_num       9 
_pdbx_entity_src_syn.organism_scientific    'Arabidopsis thaliana' 
_pdbx_entity_src_syn.organism_common_name   ? 
_pdbx_entity_src_syn.ncbi_taxonomy_id       3702 
_pdbx_entity_src_syn.details                ? 
# 
loop_
_chem_comp.id 
_chem_comp.type 
_chem_comp.mon_nstd_flag 
_chem_comp.name 
_chem_comp.pdbx_synonyms 
_chem_comp.formula 
_chem_comp.formula_weight 
ALA 'L-peptide linking' y ALANINE         ? 'C3 H7 N O2'     89.093  
ARG 'L-peptide linking' y ARGININE        ? 'C6 H15 N4 O2 1' 175.209 
ASN 'L-peptide linking' y ASPARAGINE      ? 'C4 H8 N2 O3'    132.118 
ASP 'L-peptide linking' y 'ASPARTIC ACID' ? 'C4 H7 N O4'     133.103 
CYS 'L-peptide linking' y CYSTEINE        ? 'C3 H7 N O2 S'   121.158 
GLN 'L-peptide linking' y GLUTAMINE       ? 'C5 H10 N2 O3'   146.144 
GLU 'L-peptide linking' y 'GLUTAMIC ACID' ? 'C5 H9 N O4'     147.129 
GLY 'peptide linking'   y GLYCINE         ? 'C2 H5 N O2'     75.067  
HOH non-polymer         . WATER           ? 'H2 O'           18.015  
ILE 'L-peptide linking' y ISOLEUCINE      ? 'C6 H13 N O2'    131.173 
LEU 'L-peptide linking' y LEUCINE         ? 'C6 H13 N O2'    131.173 
LYS 'L-peptide linking' y LYSINE          ? 'C6 H15 N2 O2 1' 147.195 
MET 'L-peptide linking' y METHIONINE      ? 'C5 H11 N O2 S'  149.211 
MLZ 'L-peptide linking' n N-METHYL-LYSINE ? 'C7 H16 N2 O2'   160.214 
PHE 'L-peptide linking' y PHENYLALANINE   ? 'C9 H11 N O2'    165.189 
PRO 'L-peptide linking' y PROLINE         ? 'C5 H9 N O2'     115.130 
SER 'L-peptide linking' y SERINE          ? 'C3 H7 N O3'     105.093 
THR 'L-peptide linking' y THREONINE       ? 'C4 H9 N O3'     119.119 
TRP 'L-peptide linking' y TRYPTOPHAN      ? 'C11 H12 N2 O2'  204.225 
VAL 'L-peptide linking' y VALINE          ? 'C5 H11 N O2'    117.146 
ZN  non-polymer         . 'ZINC ION'      ? 'Zn 2'           65.409  
# 
loop_
_pdbx_poly_seq_scheme.asym_id 
_pdbx_poly_seq_scheme.entity_id 
_pdbx_poly_seq_scheme.seq_id 
_pdbx_poly_seq_scheme.mon_id 
_pdbx_poly_seq_scheme.ndb_seq_num 
_pdbx_poly_seq_scheme.pdb_seq_num 
_pdbx_poly_seq_scheme.auth_seq_num 
_pdbx_poly_seq_scheme.pdb_mon_id 
_pdbx_poly_seq_scheme.auth_mon_id 
_pdbx_poly_seq_scheme.pdb_strand_id 
_pdbx_poly_seq_scheme.pdb_ins_code 
_pdbx_poly_seq_scheme.hetero 
A 1 1  GLU 1  862 862 GLU ALA A . n 
A 1 2  SER 2  863 863 SER SER A . n 
A 1 3  ALA 3  864 864 ALA ALA A . n 
A 1 4  TRP 4  865 865 TRP TRP A . n 
A 1 5  VAL 5  866 866 VAL VAL A . n 
A 1 6  ARG 6  867 867 ARG ARG A . n 
A 1 7  CYS 7  868 868 CYS CYS A . n 
A 1 8  ASP 8  869 869 ASP ASP A . n 
A 1 9  ASP 9  870 870 ASP ASP A . n 
A 1 10 CYS 10 871 871 CYS CYS A . n 
A 1 11 PHE 11 872 872 PHE PHE A . n 
A 1 12 LYS 12 873 873 LYS LYS A . n 
A 1 13 TRP 13 874 874 TRP TRP A . n 
A 1 14 ARG 14 875 875 ARG ARG A . n 
A 1 15 ARG 15 876 876 ARG ARG A . n 
A 1 16 ILE 16 877 877 ILE ILE A . n 
A 1 17 PRO 17 878 878 PRO PRO A . n 
A 1 18 ALA 18 879 879 ALA ALA A . n 
A 1 19 SER 19 880 880 SER SER A . n 
A 1 20 VAL 20 881 881 VAL VAL A . n 
A 1 21 VAL 21 882 882 VAL VAL A . n 
A 1 22 GLY 22 883 883 GLY GLY A . n 
A 1 23 SER 23 884 884 SER SER A . n 
A 1 24 ILE 24 885 885 ILE ILE A . n 
A 1 25 ASP 25 886 886 ASP ASP A . n 
A 1 26 GLU 26 887 887 GLU GLU A . n 
A 1 27 SER 27 888 888 SER SER A . n 
A 1 28 SER 28 889 889 SER SER A . n 
A 1 29 ARG 29 890 890 ARG ARG A . n 
A 1 30 TRP 30 891 891 TRP TRP A . n 
A 1 31 ILE 31 892 892 ILE ILE A . n 
A 1 32 CYS 32 893 893 CYS CYS A . n 
A 1 33 MET 33 894 894 MET MET A . n 
A 1 34 ASN 34 895 895 ASN ASN A . n 
A 1 35 ASN 35 896 896 ASN ASN A . n 
A 1 36 SER 36 897 897 SER SER A . n 
A 1 37 ASP 37 898 898 ASP ASP A . n 
A 1 38 LYS 38 899 899 LYS LYS A . n 
A 1 39 ARG 39 900 900 ARG ARG A . n 
A 1 40 PHE 40 901 901 PHE PHE A . n 
A 1 41 ALA 41 902 902 ALA ALA A . n 
A 1 42 ASP 42 903 903 ASP ASP A . n 
A 1 43 CYS 43 904 904 CYS CYS A . n 
A 1 44 SER 44 905 905 SER SER A . n 
A 1 45 LYS 45 906 906 LYS LYS A . n 
A 1 46 SER 46 907 907 SER SER A . n 
A 1 47 GLN 47 908 908 GLN GLN A . n 
A 1 48 GLU 48 909 909 GLU GLU A . n 
A 1 49 MET 49 910 910 MET MET A . n 
A 1 50 SER 50 911 911 SER SER A . n 
A 1 51 ASN 51 912 912 ASN ASN A . n 
A 1 52 GLU 52 913 913 GLU GLU A . n 
A 1 53 GLU 53 914 914 GLU GLU A . n 
A 1 54 ILE 54 915 915 ILE ILE A . n 
A 1 55 ASN 55 916 916 ASN ASN A . n 
A 1 56 ALA 56 917 917 ALA ALA A . n 
A 1 57 GLU 57 918 918 GLU GLU A . n 
A 1 58 LEU 58 919 919 LEU LEU A . n 
A 1 59 GLY 59 920 920 GLY GLY A . n 
A 1 60 ILE 60 921 921 ILE ILE A . n 
B 2 1  ALA 1  1   1   ALA ALA C . n 
B 2 2  ARG 2  2   2   ARG ARG C . n 
B 2 3  THR 3  3   3   THR THR C . n 
B 2 4  MLZ 4  4   4   MLZ MLZ C . n 
B 2 5  GLN 5  5   5   GLN GLN C . n 
B 2 6  THR 6  6   6   THR THR C . n 
B 2 7  ALA 7  7   7   ALA ALA C . n 
B 2 8  ARG 8  8   ?   ?   ?   C . n 
B 2 9  LYS 9  9   ?   ?   ?   C . n 
# 
loop_
_pdbx_nonpoly_scheme.asym_id 
_pdbx_nonpoly_scheme.entity_id 
_pdbx_nonpoly_scheme.mon_id 
_pdbx_nonpoly_scheme.ndb_seq_num 
_pdbx_nonpoly_scheme.pdb_seq_num 
_pdbx_nonpoly_scheme.auth_seq_num 
_pdbx_nonpoly_scheme.pdb_mon_id 
_pdbx_nonpoly_scheme.auth_mon_id 
_pdbx_nonpoly_scheme.pdb_strand_id 
_pdbx_nonpoly_scheme.pdb_ins_code 
C 3 ZN  1  1001 1  ZN  ZN  A . 
D 4 HOH 1  1101 42 HOH HOH A . 
D 4 HOH 2  1102 49 HOH HOH A . 
D 4 HOH 3  1103 43 HOH HOH A . 
D 4 HOH 4  1104 53 HOH HOH A . 
D 4 HOH 5  1105 29 HOH HOH A . 
D 4 HOH 6  1106 18 HOH HOH A . 
D 4 HOH 7  1107 4  HOH HOH A . 
D 4 HOH 8  1108 81 HOH HOH A . 
D 4 HOH 9  1109 47 HOH HOH A . 
D 4 HOH 10 1110 28 HOH HOH A . 
D 4 HOH 11 1111 14 HOH HOH A . 
D 4 HOH 12 1112 24 HOH HOH A . 
D 4 HOH 13 1113 77 HOH HOH A . 
D 4 HOH 14 1114 7  HOH HOH A . 
D 4 HOH 15 1115 46 HOH HOH A . 
D 4 HOH 16 1116 16 HOH HOH A . 
D 4 HOH 17 1117 32 HOH HOH A . 
D 4 HOH 18 1118 8  HOH HOH A . 
D 4 HOH 19 1119 30 HOH HOH A . 
D 4 HOH 20 1120 21 HOH HOH A . 
D 4 HOH 21 1121 64 HOH HOH A . 
D 4 HOH 22 1122 25 HOH HOH A . 
D 4 HOH 23 1123 45 HOH HOH A . 
D 4 HOH 24 1124 5  HOH HOH A . 
D 4 HOH 25 1125 63 HOH HOH A . 
D 4 HOH 26 1126 76 HOH HOH A . 
D 4 HOH 27 1127 34 HOH HOH A . 
D 4 HOH 28 1128 36 HOH HOH A . 
D 4 HOH 29 1129 10 HOH HOH A . 
D 4 HOH 30 1130 59 HOH HOH A . 
D 4 HOH 31 1131 6  HOH HOH A . 
D 4 HOH 32 1132 73 HOH HOH A . 
D 4 HOH 33 1133 13 HOH HOH A . 
D 4 HOH 34 1134 35 HOH HOH A . 
D 4 HOH 35 1135 62 HOH HOH A . 
D 4 HOH 36 1136 31 HOH HOH A . 
D 4 HOH 37 1137 22 HOH HOH A . 
D 4 HOH 38 1138 23 HOH HOH A . 
D 4 HOH 39 1139 27 HOH HOH A . 
D 4 HOH 40 1140 50 HOH HOH A . 
D 4 HOH 41 1141 1  HOH HOH A . 
D 4 HOH 42 1142 2  HOH HOH A . 
D 4 HOH 43 1143 15 HOH HOH A . 
D 4 HOH 44 1144 79 HOH HOH A . 
D 4 HOH 45 1145 40 HOH HOH A . 
D 4 HOH 46 1146 11 HOH HOH A . 
D 4 HOH 47 1147 69 HOH HOH A . 
D 4 HOH 48 1148 12 HOH HOH A . 
D 4 HOH 49 1149 3  HOH HOH A . 
D 4 HOH 50 1150 66 HOH HOH A . 
D 4 HOH 51 1151 61 HOH HOH A . 
D 4 HOH 52 1152 44 HOH HOH A . 
D 4 HOH 53 1153 9  HOH HOH A . 
D 4 HOH 54 1154 74 HOH HOH A . 
D 4 HOH 55 1155 20 HOH HOH A . 
D 4 HOH 56 1156 54 HOH HOH A . 
D 4 HOH 57 1157 48 HOH HOH A . 
D 4 HOH 58 1158 78 HOH HOH A . 
D 4 HOH 59 1159 84 HOH HOH A . 
D 4 HOH 60 1160 52 HOH HOH A . 
D 4 HOH 61 1161 19 HOH HOH A . 
D 4 HOH 62 1162 80 HOH HOH A . 
D 4 HOH 63 1163 38 HOH HOH A . 
D 4 HOH 64 1164 57 HOH HOH A . 
D 4 HOH 65 1165 83 HOH HOH A . 
D 4 HOH 66 1166 58 HOH HOH A . 
D 4 HOH 67 1167 41 HOH HOH A . 
D 4 HOH 68 1168 67 HOH HOH A . 
D 4 HOH 69 1169 55 HOH HOH A . 
D 4 HOH 70 1170 71 HOH HOH A . 
D 4 HOH 71 1171 51 HOH HOH A . 
D 4 HOH 72 1172 65 HOH HOH A . 
D 4 HOH 73 1173 39 HOH HOH A . 
D 4 HOH 74 1174 37 HOH HOH A . 
D 4 HOH 75 1175 82 HOH HOH A . 
E 4 HOH 1  101  60 HOH HOH C . 
E 4 HOH 2  102  33 HOH HOH C . 
E 4 HOH 3  103  68 HOH HOH C . 
E 4 HOH 4  104  26 HOH HOH C . 
E 4 HOH 5  105  72 HOH HOH C . 
E 4 HOH 6  106  17 HOH HOH C . 
E 4 HOH 7  107  75 HOH HOH C . 
E 4 HOH 8  108  56 HOH HOH C . 
E 4 HOH 9  109  70 HOH HOH C . 
# 
loop_
_pdbx_unobs_or_zero_occ_atoms.id 
_pdbx_unobs_or_zero_occ_atoms.PDB_model_num 
_pdbx_unobs_or_zero_occ_atoms.polymer_flag 
_pdbx_unobs_or_zero_occ_atoms.occupancy_flag 
_pdbx_unobs_or_zero_occ_atoms.auth_asym_id 
_pdbx_unobs_or_zero_occ_atoms.auth_comp_id 
_pdbx_unobs_or_zero_occ_atoms.auth_seq_id 
_pdbx_unobs_or_zero_occ_atoms.PDB_ins_code 
_pdbx_unobs_or_zero_occ_atoms.auth_atom_id 
_pdbx_unobs_or_zero_occ_atoms.label_alt_id 
_pdbx_unobs_or_zero_occ_atoms.label_asym_id 
_pdbx_unobs_or_zero_occ_atoms.label_comp_id 
_pdbx_unobs_or_zero_occ_atoms.label_seq_id 
_pdbx_unobs_or_zero_occ_atoms.label_atom_id 
1 1 Y 1 A GLU 862 ? CG  ? A GLU 1 CG  
2 1 Y 1 A GLU 862 ? CD  ? A GLU 1 CD  
3 1 Y 1 A GLU 862 ? OE1 ? A GLU 1 OE1 
4 1 Y 1 A GLU 862 ? OE2 ? A GLU 1 OE2 
# 
loop_
_software.citation_id 
_software.classification 
_software.compiler_name 
_software.compiler_version 
_software.contact_author 
_software.contact_author_email 
_software.date 
_software.description 
_software.dependencies 
_software.hardware 
_software.language 
_software.location 
_software.mods 
_software.name 
_software.os 
_software.os_version 
_software.type 
_software.version 
_software.pdbx_ordinal 
? refinement       ? ? ? ? ? ? ? ? ? ? ? PHENIX   ? ? ? 1.8.4_1496 1 
? 'data reduction' ? ? ? ? ? ? ? ? ? ? ? HKL-3000 ? ? ? .          2 
? 'data scaling'   ? ? ? ? ? ? ? ? ? ? ? HKL-3000 ? ? ? .          3 
? phasing          ? ? ? ? ? ? ? ? ? ? ? PHENIX   ? ? ? .          4 
# 
_cell.angle_alpha                  90.00 
_cell.angle_alpha_esd              ? 
_cell.angle_beta                   90.00 
_cell.angle_beta_esd               ? 
_cell.angle_gamma                  120.00 
_cell.angle_gamma_esd              ? 
_cell.entry_id                     5YVX 
_cell.details                      ? 
_cell.formula_units_Z              ? 
_cell.length_a                     66.421 
_cell.length_a_esd                 ? 
_cell.length_b                     66.421 
_cell.length_b_esd                 ? 
_cell.length_c                     29.241 
_cell.length_c_esd                 ? 
_cell.volume                       ? 
_cell.volume_esd                   ? 
_cell.Z_PDB                        6 
_cell.reciprocal_angle_alpha       ? 
_cell.reciprocal_angle_beta        ? 
_cell.reciprocal_angle_gamma       ? 
_cell.reciprocal_angle_alpha_esd   ? 
_cell.reciprocal_angle_beta_esd    ? 
_cell.reciprocal_angle_gamma_esd   ? 
_cell.reciprocal_length_a          ? 
_cell.reciprocal_length_b          ? 
_cell.reciprocal_length_c          ? 
_cell.reciprocal_length_a_esd      ? 
_cell.reciprocal_length_b_esd      ? 
_cell.reciprocal_length_c_esd      ? 
_cell.pdbx_unique_axis             ? 
# 
_symmetry.entry_id                         5YVX 
_symmetry.cell_setting                     ? 
_symmetry.Int_Tables_number                173 
_symmetry.space_group_name_Hall            ? 
_symmetry.space_group_name_H-M             'P 63' 
_symmetry.pdbx_full_space_group_name_H-M   ? 
# 
_exptl.absorpt_coefficient_mu     ? 
_exptl.absorpt_correction_T_max   ? 
_exptl.absorpt_correction_T_min   ? 
_exptl.absorpt_correction_type    ? 
_exptl.absorpt_process_details    ? 
_exptl.entry_id                   5YVX 
_exptl.crystals_number            1 
_exptl.details                    ? 
_exptl.method                     'X-RAY DIFFRACTION' 
_exptl.method_details             ? 
# 
_exptl_crystal.colour                      ? 
_exptl_crystal.density_diffrn              ? 
_exptl_crystal.density_Matthews            2.44 
_exptl_crystal.density_method              ? 
_exptl_crystal.density_percent_sol         49.52 
_exptl_crystal.description                 ? 
_exptl_crystal.F_000                       ? 
_exptl_crystal.id                          1 
_exptl_crystal.preparation                 ? 
_exptl_crystal.size_max                    ? 
_exptl_crystal.size_mid                    ? 
_exptl_crystal.size_min                    ? 
_exptl_crystal.size_rad                    ? 
_exptl_crystal.colour_lustre               ? 
_exptl_crystal.colour_modifier             ? 
_exptl_crystal.colour_primary              ? 
_exptl_crystal.density_meas                ? 
_exptl_crystal.density_meas_esd            ? 
_exptl_crystal.density_meas_gt             ? 
_exptl_crystal.density_meas_lt             ? 
_exptl_crystal.density_meas_temp           ? 
_exptl_crystal.density_meas_temp_esd       ? 
_exptl_crystal.density_meas_temp_gt        ? 
_exptl_crystal.density_meas_temp_lt        ? 
_exptl_crystal.pdbx_crystal_image_url      ? 
_exptl_crystal.pdbx_crystal_image_format   ? 
_exptl_crystal.pdbx_mosaicity              ? 
_exptl_crystal.pdbx_mosaicity_esd          ? 
# 
_exptl_crystal_grow.apparatus       ? 
_exptl_crystal_grow.atmosphere      ? 
_exptl_crystal_grow.crystal_id      1 
_exptl_crystal_grow.details         ? 
_exptl_crystal_grow.method          'VAPOR DIFFUSION, HANGING DROP' 
_exptl_crystal_grow.method_ref      ? 
_exptl_crystal_grow.pH              ? 
_exptl_crystal_grow.pressure        ? 
_exptl_crystal_grow.pressure_esd    ? 
_exptl_crystal_grow.seeding         ? 
_exptl_crystal_grow.seeding_ref     ? 
_exptl_crystal_grow.temp            291 
_exptl_crystal_grow.temp_details    ? 
_exptl_crystal_grow.temp_esd        ? 
_exptl_crystal_grow.time            ? 
_exptl_crystal_grow.pdbx_details    '0.1 M Tris pH 8.5, 30% PEG 3350, 30% iso-propanol' 
_exptl_crystal_grow.pdbx_pH_range   ? 
# 
_diffrn.ambient_environment    ? 
_diffrn.ambient_temp           100 
_diffrn.ambient_temp_details   ? 
_diffrn.ambient_temp_esd       ? 
_diffrn.crystal_id             1 
_diffrn.crystal_support        ? 
_diffrn.crystal_treatment      ? 
_diffrn.details                ? 
_diffrn.id                     1 
_diffrn.ambient_pressure       ? 
_diffrn.ambient_pressure_esd   ? 
_diffrn.ambient_pressure_gt    ? 
_diffrn.ambient_pressure_lt    ? 
_diffrn.ambient_temp_gt        ? 
_diffrn.ambient_temp_lt        ? 
# 
_diffrn_detector.details                      ? 
_diffrn_detector.detector                     CCD 
_diffrn_detector.diffrn_id                    1 
_diffrn_detector.type                         'RAYONIX MX-225' 
_diffrn_detector.area_resol_mean              ? 
_diffrn_detector.dtime                        ? 
_diffrn_detector.pdbx_frames_total            ? 
_diffrn_detector.pdbx_collection_time_total   ? 
_diffrn_detector.pdbx_collection_date         2016-08-03 
# 
_diffrn_radiation.collimation                      ? 
_diffrn_radiation.diffrn_id                        1 
_diffrn_radiation.filter_edge                      ? 
_diffrn_radiation.inhomogeneity                    ? 
_diffrn_radiation.monochromator                    ? 
_diffrn_radiation.polarisn_norm                    ? 
_diffrn_radiation.polarisn_ratio                   ? 
_diffrn_radiation.probe                            ? 
_diffrn_radiation.type                             ? 
_diffrn_radiation.xray_symbol                      ? 
_diffrn_radiation.wavelength_id                    1 
_diffrn_radiation.pdbx_monochromatic_or_laue_m_l   M 
_diffrn_radiation.pdbx_wavelength_list             ? 
_diffrn_radiation.pdbx_wavelength                  ? 
_diffrn_radiation.pdbx_diffrn_protocol             'SINGLE WAVELENGTH' 
_diffrn_radiation.pdbx_analyzer                    ? 
_diffrn_radiation.pdbx_scattering_type             x-ray 
# 
_diffrn_radiation_wavelength.id           1 
_diffrn_radiation_wavelength.wavelength   1.2824 
_diffrn_radiation_wavelength.wt           1.0 
# 
_diffrn_source.current                     ? 
_diffrn_source.details                     ? 
_diffrn_source.diffrn_id                   1 
_diffrn_source.power                       ? 
_diffrn_source.size                        ? 
_diffrn_source.source                      SYNCHROTRON 
_diffrn_source.target                      ? 
_diffrn_source.type                        'SSRF BEAMLINE BL19U1' 
_diffrn_source.voltage                     ? 
_diffrn_source.take-off_angle              ? 
_diffrn_source.pdbx_wavelength_list        1.2824 
_diffrn_source.pdbx_wavelength             ? 
_diffrn_source.pdbx_synchrotron_beamline   BL19U1 
_diffrn_source.pdbx_synchrotron_site       SSRF 
# 
_reflns.B_iso_Wilson_estimate            ? 
_reflns.entry_id                         5YVX 
_reflns.data_reduction_details           ? 
_reflns.data_reduction_method            ? 
_reflns.d_resolution_high                1.59 
_reflns.d_resolution_low                 30 
_reflns.details                          ? 
_reflns.limit_h_max                      ? 
_reflns.limit_h_min                      ? 
_reflns.limit_k_max                      ? 
_reflns.limit_k_min                      ? 
_reflns.limit_l_max                      ? 
_reflns.limit_l_min                      ? 
_reflns.number_all                       ? 
_reflns.number_obs                       19136 
_reflns.observed_criterion               ? 
_reflns.observed_criterion_F_max         ? 
_reflns.observed_criterion_F_min         ? 
_reflns.observed_criterion_I_max         ? 
_reflns.observed_criterion_I_min         ? 
_reflns.observed_criterion_sigma_F       ? 
_reflns.observed_criterion_sigma_I       ? 
_reflns.percent_possible_obs             98.6 
_reflns.R_free_details                   ? 
_reflns.Rmerge_F_all                     ? 
_reflns.Rmerge_F_obs                     ? 
_reflns.Friedel_coverage                 ? 
_reflns.number_gt                        ? 
_reflns.threshold_expression             ? 
_reflns.pdbx_redundancy                  6.4 
_reflns.pdbx_Rmerge_I_obs                ? 
_reflns.pdbx_Rmerge_I_all                ? 
_reflns.pdbx_Rsym_value                  ? 
_reflns.pdbx_netI_over_av_sigmaI         ? 
_reflns.pdbx_netI_over_sigmaI            26.6 
_reflns.pdbx_res_netI_over_av_sigmaI_2   ? 
_reflns.pdbx_res_netI_over_sigmaI_2      ? 
_reflns.pdbx_chi_squared                 ? 
_reflns.pdbx_scaling_rejects             ? 
_reflns.pdbx_d_res_high_opt              ? 
_reflns.pdbx_d_res_low_opt               ? 
_reflns.pdbx_d_res_opt_method            ? 
_reflns.phase_calculation_details        ? 
_reflns.pdbx_Rrim_I_all                  ? 
_reflns.pdbx_Rpim_I_all                  ? 
_reflns.pdbx_d_opt                       ? 
_reflns.pdbx_number_measured_all         ? 
_reflns.pdbx_diffrn_id                   1 
_reflns.pdbx_ordinal                     1 
_reflns.pdbx_CC_half                     ? 
_reflns.pdbx_R_split                     ? 
# 
_reflns_shell.d_res_high                  1.59 
_reflns_shell.d_res_low                   1.65 
_reflns_shell.meanI_over_sigI_all         ? 
_reflns_shell.meanI_over_sigI_obs         ? 
_reflns_shell.number_measured_all         ? 
_reflns_shell.number_measured_obs         ? 
_reflns_shell.number_possible             ? 
_reflns_shell.number_unique_all           ? 
_reflns_shell.number_unique_obs           ? 
_reflns_shell.percent_possible_all        ? 
_reflns_shell.percent_possible_obs        ? 
_reflns_shell.Rmerge_F_all                ? 
_reflns_shell.Rmerge_F_obs                ? 
_reflns_shell.Rmerge_I_all                ? 
_reflns_shell.Rmerge_I_obs                ? 
_reflns_shell.meanI_over_sigI_gt          ? 
_reflns_shell.meanI_over_uI_all           ? 
_reflns_shell.meanI_over_uI_gt            ? 
_reflns_shell.number_measured_gt          ? 
_reflns_shell.number_unique_gt            ? 
_reflns_shell.percent_possible_gt         ? 
_reflns_shell.Rmerge_F_gt                 ? 
_reflns_shell.Rmerge_I_gt                 ? 
_reflns_shell.pdbx_redundancy             ? 
_reflns_shell.pdbx_Rsym_value             ? 
_reflns_shell.pdbx_chi_squared            ? 
_reflns_shell.pdbx_netI_over_sigmaI_all   ? 
_reflns_shell.pdbx_netI_over_sigmaI_obs   ? 
_reflns_shell.pdbx_Rrim_I_all             ? 
_reflns_shell.pdbx_Rpim_I_all             ? 
_reflns_shell.pdbx_rejects                ? 
_reflns_shell.pdbx_ordinal                1 
_reflns_shell.pdbx_diffrn_id              1 
_reflns_shell.pdbx_CC_half                ? 
_reflns_shell.pdbx_R_split                ? 
# 
_refine.aniso_B[1][1]                            ? 
_refine.aniso_B[1][2]                            ? 
_refine.aniso_B[1][3]                            ? 
_refine.aniso_B[2][2]                            ? 
_refine.aniso_B[2][3]                            ? 
_refine.aniso_B[3][3]                            ? 
_refine.B_iso_max                                ? 
_refine.B_iso_mean                               ? 
_refine.B_iso_min                                ? 
_refine.correlation_coeff_Fo_to_Fc               ? 
_refine.correlation_coeff_Fo_to_Fc_free          ? 
_refine.details                                  ? 
_refine.diff_density_max                         ? 
_refine.diff_density_max_esd                     ? 
_refine.diff_density_min                         ? 
_refine.diff_density_min_esd                     ? 
_refine.diff_density_rms                         ? 
_refine.diff_density_rms_esd                     ? 
_refine.entry_id                                 5YVX 
_refine.pdbx_refine_id                           'X-RAY DIFFRACTION' 
_refine.ls_abs_structure_details                 ? 
_refine.ls_abs_structure_Flack                   ? 
_refine.ls_abs_structure_Flack_esd               ? 
_refine.ls_abs_structure_Rogers                  ? 
_refine.ls_abs_structure_Rogers_esd              ? 
_refine.ls_d_res_high                            1.591 
_refine.ls_d_res_low                             28.761 
_refine.ls_extinction_coef                       ? 
_refine.ls_extinction_coef_esd                   ? 
_refine.ls_extinction_expression                 ? 
_refine.ls_extinction_method                     ? 
_refine.ls_goodness_of_fit_all                   ? 
_refine.ls_goodness_of_fit_all_esd               ? 
_refine.ls_goodness_of_fit_obs                   ? 
_refine.ls_goodness_of_fit_obs_esd               ? 
_refine.ls_hydrogen_treatment                    ? 
_refine.ls_matrix_type                           ? 
_refine.ls_number_constraints                    ? 
_refine.ls_number_parameters                     ? 
_refine.ls_number_reflns_all                     ? 
_refine.ls_number_reflns_obs                     19132 
_refine.ls_number_reflns_R_free                  1900 
_refine.ls_number_reflns_R_work                  ? 
_refine.ls_number_restraints                     ? 
_refine.ls_percent_reflns_obs                    98.64 
_refine.ls_percent_reflns_R_free                 9.93 
_refine.ls_R_factor_all                          ? 
_refine.ls_R_factor_obs                          0.1692 
_refine.ls_R_factor_R_free                       0.1845 
_refine.ls_R_factor_R_free_error                 ? 
_refine.ls_R_factor_R_free_error_details         ? 
_refine.ls_R_factor_R_work                       0.1675 
_refine.ls_R_Fsqd_factor_obs                     ? 
_refine.ls_R_I_factor_obs                        ? 
_refine.ls_redundancy_reflns_all                 ? 
_refine.ls_redundancy_reflns_obs                 ? 
_refine.ls_restrained_S_all                      ? 
_refine.ls_restrained_S_obs                      ? 
_refine.ls_shift_over_esd_max                    ? 
_refine.ls_shift_over_esd_mean                   ? 
_refine.ls_structure_factor_coef                 ? 
_refine.ls_weighting_details                     ? 
_refine.ls_weighting_scheme                      ? 
_refine.ls_wR_factor_all                         ? 
_refine.ls_wR_factor_obs                         ? 
_refine.ls_wR_factor_R_free                      ? 
_refine.ls_wR_factor_R_work                      ? 
_refine.occupancy_max                            ? 
_refine.occupancy_min                            ? 
_refine.solvent_model_details                    ? 
_refine.solvent_model_param_bsol                 ? 
_refine.solvent_model_param_ksol                 ? 
_refine.ls_R_factor_gt                           ? 
_refine.ls_goodness_of_fit_gt                    ? 
_refine.ls_goodness_of_fit_ref                   ? 
_refine.ls_shift_over_su_max                     ? 
_refine.ls_shift_over_su_max_lt                  ? 
_refine.ls_shift_over_su_mean                    ? 
_refine.ls_shift_over_su_mean_lt                 ? 
_refine.pdbx_ls_sigma_I                          ? 
_refine.pdbx_ls_sigma_F                          1.51 
_refine.pdbx_ls_sigma_Fsqd                       ? 
_refine.pdbx_data_cutoff_high_absF               ? 
_refine.pdbx_data_cutoff_high_rms_absF           ? 
_refine.pdbx_data_cutoff_low_absF                ? 
_refine.pdbx_isotropic_thermal_model             ? 
_refine.pdbx_ls_cross_valid_method               'FREE R-VALUE' 
_refine.pdbx_method_to_determine_struct          SAD 
_refine.pdbx_starting_model                      ? 
_refine.pdbx_stereochemistry_target_values       ? 
_refine.pdbx_R_Free_selection_details            ? 
_refine.pdbx_stereochem_target_val_spec_case     ? 
_refine.pdbx_overall_ESU_R                       ? 
_refine.pdbx_overall_ESU_R_Free                  ? 
_refine.pdbx_solvent_vdw_probe_radii             1.11 
_refine.pdbx_solvent_ion_probe_radii             ? 
_refine.pdbx_solvent_shrinkage_radii             0.90 
_refine.pdbx_real_space_R                        ? 
_refine.pdbx_density_correlation                 ? 
_refine.pdbx_pd_number_of_powder_patterns        ? 
_refine.pdbx_pd_number_of_points                 ? 
_refine.pdbx_pd_meas_number_of_points            ? 
_refine.pdbx_pd_proc_ls_prof_R_factor            ? 
_refine.pdbx_pd_proc_ls_prof_wR_factor           ? 
_refine.pdbx_pd_Marquardt_correlation_coeff      ? 
_refine.pdbx_pd_Fsqrd_R_factor                   ? 
_refine.pdbx_pd_ls_matrix_band_width             ? 
_refine.pdbx_overall_phase_error                 17.87 
_refine.pdbx_overall_SU_R_free_Cruickshank_DPI   ? 
_refine.pdbx_overall_SU_R_free_Blow_DPI          ? 
_refine.pdbx_overall_SU_R_Blow_DPI               ? 
_refine.pdbx_TLS_residual_ADP_flag               ? 
_refine.pdbx_diffrn_id                           1 
_refine.overall_SU_B                             ? 
_refine.overall_SU_ML                            0.18 
_refine.overall_SU_R_Cruickshank_DPI             ? 
_refine.overall_SU_R_free                        ? 
_refine.overall_FOM_free_R_set                   ? 
_refine.overall_FOM_work_R_set                   ? 
_refine.pdbx_average_fsc_overall                 ? 
_refine.pdbx_average_fsc_work                    ? 
_refine.pdbx_average_fsc_free                    ? 
# 
_refine_hist.pdbx_refine_id                   'X-RAY DIFFRACTION' 
_refine_hist.cycle_id                         LAST 
_refine_hist.pdbx_number_atoms_protein        529 
_refine_hist.pdbx_number_atoms_nucleic_acid   0 
_refine_hist.pdbx_number_atoms_ligand         1 
_refine_hist.number_atoms_solvent             84 
_refine_hist.number_atoms_total               614 
_refine_hist.d_res_high                       1.591 
_refine_hist.d_res_low                        28.761 
# 
loop_
_refine_ls_restr.pdbx_refine_id 
_refine_ls_restr.criterion 
_refine_ls_restr.dev_ideal 
_refine_ls_restr.dev_ideal_target 
_refine_ls_restr.number 
_refine_ls_restr.rejects 
_refine_ls_restr.type 
_refine_ls_restr.weight 
_refine_ls_restr.pdbx_restraint_function 
'X-RAY DIFFRACTION' ? 0.007  ? 536 ? f_bond_d           ? ? 
'X-RAY DIFFRACTION' ? 0.991  ? 718 ? f_angle_d          ? ? 
'X-RAY DIFFRACTION' ? 15.524 ? 199 ? f_dihedral_angle_d ? ? 
'X-RAY DIFFRACTION' ? 0.045  ? 76  ? f_chiral_restr     ? ? 
'X-RAY DIFFRACTION' ? 0.005  ? 93  ? f_plane_restr      ? ? 
# 
loop_
_refine_ls_shell.pdbx_refine_id 
_refine_ls_shell.d_res_high 
_refine_ls_shell.d_res_low 
_refine_ls_shell.number_reflns_all 
_refine_ls_shell.number_reflns_obs 
_refine_ls_shell.number_reflns_R_free 
_refine_ls_shell.number_reflns_R_work 
_refine_ls_shell.percent_reflns_obs 
_refine_ls_shell.percent_reflns_R_free 
_refine_ls_shell.R_factor_all 
_refine_ls_shell.R_factor_obs 
_refine_ls_shell.R_factor_R_free 
_refine_ls_shell.R_factor_R_free_error 
_refine_ls_shell.R_factor_R_work 
_refine_ls_shell.redundancy_reflns_all 
_refine_ls_shell.redundancy_reflns_obs 
_refine_ls_shell.wR_factor_all 
_refine_ls_shell.wR_factor_obs 
_refine_ls_shell.wR_factor_R_free 
_refine_ls_shell.wR_factor_R_work 
_refine_ls_shell.pdbx_total_number_of_bins_used 
_refine_ls_shell.pdbx_phase_error 
_refine_ls_shell.pdbx_fsc_work 
_refine_ls_shell.pdbx_fsc_free 
'X-RAY DIFFRACTION' 1.5913 1.6311  . . 117 1103 87.00  . . . 0.3191 . 0.2700 . . . . . . . . . . 
'X-RAY DIFFRACTION' 1.6311 1.6752  . . 132 1222 98.00  . . . 0.2697 . 0.2412 . . . . . . . . . . 
'X-RAY DIFFRACTION' 1.6752 1.7245  . . 144 1240 99.00  . . . 0.2489 . 0.2365 . . . . . . . . . . 
'X-RAY DIFFRACTION' 1.7245 1.7801  . . 136 1198 99.00  . . . 0.2374 . 0.2055 . . . . . . . . . . 
'X-RAY DIFFRACTION' 1.7801 1.8437  . . 143 1279 100.00 . . . 0.2220 . 0.1887 . . . . . . . . . . 
'X-RAY DIFFRACTION' 1.8437 1.9175  . . 126 1247 100.00 . . . 0.2044 . 0.1885 . . . . . . . . . . 
'X-RAY DIFFRACTION' 1.9175 2.0048  . . 140 1226 100.00 . . . 0.2130 . 0.1720 . . . . . . . . . . 
'X-RAY DIFFRACTION' 2.0048 2.1104  . . 135 1240 100.00 . . . 0.1770 . 0.1645 . . . . . . . . . . 
'X-RAY DIFFRACTION' 2.1104 2.2426  . . 142 1249 100.00 . . . 0.2083 . 0.1726 . . . . . . . . . . 
'X-RAY DIFFRACTION' 2.2426 2.4157  . . 141 1236 100.00 . . . 0.2097 . 0.1623 . . . . . . . . . . 
'X-RAY DIFFRACTION' 2.4157 2.6586  . . 139 1254 100.00 . . . 0.1723 . 0.1787 . . . . . . . . . . 
'X-RAY DIFFRACTION' 2.6586 3.0430  . . 136 1243 100.00 . . . 0.1648 . 0.1823 . . . . . . . . . . 
'X-RAY DIFFRACTION' 3.0430 3.8324  . . 131 1252 100.00 . . . 0.1838 . 0.1501 . . . . . . . . . . 
'X-RAY DIFFRACTION' 3.8324 28.7658 . . 138 1243 100.00 . . . 0.1482 . 0.1379 . . . . . . . . . . 
# 
_struct.entry_id                     5YVX 
_struct.title                        'Crystal structure of SDG8 CW domain in complex with H3K4me1 peptide' 
_struct.pdbx_model_details           ? 
_struct.pdbx_formula_weight          ? 
_struct.pdbx_formula_weight_method   ? 
_struct.pdbx_model_type_details      ? 
_struct.pdbx_CASP_flag               N 
# 
_struct_keywords.entry_id        5YVX 
_struct_keywords.text            'SDG8, CW domain, H3K4me1, TRANSFERASE' 
_struct_keywords.pdbx_keywords   TRANSFERASE 
# 
loop_
_struct_asym.id 
_struct_asym.pdbx_blank_PDB_chainid_flag 
_struct_asym.pdbx_modified 
_struct_asym.entity_id 
_struct_asym.details 
A N N 1 ? 
B N N 2 ? 
C N N 3 ? 
D N N 4 ? 
E N N 4 ? 
# 
loop_
_struct_ref.id 
_struct_ref.db_name 
_struct_ref.db_code 
_struct_ref.pdbx_db_accession 
_struct_ref.pdbx_db_isoform 
_struct_ref.entity_id 
_struct_ref.pdbx_seq_one_letter_code 
_struct_ref.pdbx_align_begin 
1 UNP ASHH2_ARATH Q2LAE1 ? 1 ESAWVRCDDCFKWRRIPASVVGSIDESSRWICMNNSDKRFADCSKSQEMSNEEINEELGI 862 
2 PDB 5YVX        5YVX   ? 2 ?                                                            1   
# 
loop_
_struct_ref_seq.align_id 
_struct_ref_seq.ref_id 
_struct_ref_seq.pdbx_PDB_id_code 
_struct_ref_seq.pdbx_strand_id 
_struct_ref_seq.seq_align_beg 
_struct_ref_seq.pdbx_seq_align_beg_ins_code 
_struct_ref_seq.seq_align_end 
_struct_ref_seq.pdbx_seq_align_end_ins_code 
_struct_ref_seq.pdbx_db_accession 
_struct_ref_seq.db_align_beg 
_struct_ref_seq.pdbx_db_align_beg_ins_code 
_struct_ref_seq.db_align_end 
_struct_ref_seq.pdbx_db_align_end_ins_code 
_struct_ref_seq.pdbx_auth_seq_align_beg 
_struct_ref_seq.pdbx_auth_seq_align_end 
1 1 5YVX A 1 ? 60 ? Q2LAE1 862 ? 921 ? 862 921 
2 2 5YVX C 1 ? 9  ? 5YVX   1   ? 9   ? 1   9   
# 
_struct_ref_seq_dif.align_id                     1 
_struct_ref_seq_dif.pdbx_pdb_id_code             5YVX 
_struct_ref_seq_dif.mon_id                       ALA 
_struct_ref_seq_dif.pdbx_pdb_strand_id           A 
_struct_ref_seq_dif.seq_num                      56 
_struct_ref_seq_dif.pdbx_pdb_ins_code            ? 
_struct_ref_seq_dif.pdbx_seq_db_name             UNP 
_struct_ref_seq_dif.pdbx_seq_db_accession_code   Q2LAE1 
_struct_ref_seq_dif.db_mon_id                    GLU 
_struct_ref_seq_dif.pdbx_seq_db_seq_num          917 
_struct_ref_seq_dif.details                      'engineered mutation' 
_struct_ref_seq_dif.pdbx_auth_seq_num            917 
_struct_ref_seq_dif.pdbx_ordinal                 1 
# 
_pdbx_struct_assembly.id                   1 
_pdbx_struct_assembly.details              author_and_software_defined_assembly 
_pdbx_struct_assembly.method_details       PISA 
_pdbx_struct_assembly.oligomeric_details   dimeric 
_pdbx_struct_assembly.oligomeric_count     2 
# 
loop_
_pdbx_struct_assembly_prop.biol_id 
_pdbx_struct_assembly_prop.type 
_pdbx_struct_assembly_prop.value 
_pdbx_struct_assembly_prop.details 
1 'ABSA (A^2)' 1130 ? 
1 MORE         -9   ? 
1 'SSA (A^2)'  4220 ? 
# 
_pdbx_struct_assembly_gen.assembly_id       1 
_pdbx_struct_assembly_gen.oper_expression   1 
_pdbx_struct_assembly_gen.asym_id_list      A,B,C,D,E 
# 
_pdbx_struct_assembly_auth_evidence.id                     1 
_pdbx_struct_assembly_auth_evidence.assembly_id            1 
_pdbx_struct_assembly_auth_evidence.experimental_support   'isothermal titration calorimetry' 
_pdbx_struct_assembly_auth_evidence.details                
'the equilibrium disassociation constants (Kd) of SDG8 CW domain to H3K4me1 is 1.29 uM.' 
# 
_pdbx_struct_oper_list.id                   1 
_pdbx_struct_oper_list.type                 'identity operation' 
_pdbx_struct_oper_list.name                 1_555 
_pdbx_struct_oper_list.symmetry_operation   x,y,z 
_pdbx_struct_oper_list.matrix[1][1]         1.0000000000 
_pdbx_struct_oper_list.matrix[1][2]         0.0000000000 
_pdbx_struct_oper_list.matrix[1][3]         0.0000000000 
_pdbx_struct_oper_list.vector[1]            0.0000000000 
_pdbx_struct_oper_list.matrix[2][1]         0.0000000000 
_pdbx_struct_oper_list.matrix[2][2]         1.0000000000 
_pdbx_struct_oper_list.matrix[2][3]         0.0000000000 
_pdbx_struct_oper_list.vector[2]            0.0000000000 
_pdbx_struct_oper_list.matrix[3][1]         0.0000000000 
_pdbx_struct_oper_list.matrix[3][2]         0.0000000000 
_pdbx_struct_oper_list.matrix[3][3]         1.0000000000 
_pdbx_struct_oper_list.vector[3]            0.0000000000 
# 
loop_
_struct_conf.conf_type_id 
_struct_conf.id 
_struct_conf.pdbx_PDB_helix_id 
_struct_conf.beg_label_comp_id 
_struct_conf.beg_label_asym_id 
_struct_conf.beg_label_seq_id 
_struct_conf.pdbx_beg_PDB_ins_code 
_struct_conf.end_label_comp_id 
_struct_conf.end_label_asym_id 
_struct_conf.end_label_seq_id 
_struct_conf.pdbx_end_PDB_ins_code 
_struct_conf.beg_auth_comp_id 
_struct_conf.beg_auth_asym_id 
_struct_conf.beg_auth_seq_id 
_struct_conf.end_auth_comp_id 
_struct_conf.end_auth_asym_id 
_struct_conf.end_auth_seq_id 
_struct_conf.pdbx_PDB_helix_class 
_struct_conf.details 
_struct_conf.pdbx_PDB_helix_length 
HELX_P HELX_P1 AA1 ALA A 18 ? GLY A 22 ? ALA A 879 GLY A 883 1 ? 5  
HELX_P HELX_P2 AA2 ILE A 31 ? ASN A 35 ? ILE A 892 ASN A 896 5 ? 5  
HELX_P HELX_P3 AA3 SER A 50 ? GLY A 59 ? SER A 911 GLY A 920 1 ? 10 
# 
_struct_conf_type.id          HELX_P 
_struct_conf_type.criteria    ? 
_struct_conf_type.reference   ? 
# 
loop_
_struct_conn.id 
_struct_conn.conn_type_id 
_struct_conn.pdbx_leaving_atom_flag 
_struct_conn.pdbx_PDB_id 
_struct_conn.ptnr1_label_asym_id 
_struct_conn.ptnr1_label_comp_id 
_struct_conn.ptnr1_label_seq_id 
_struct_conn.ptnr1_label_atom_id 
_struct_conn.pdbx_ptnr1_label_alt_id 
_struct_conn.pdbx_ptnr1_PDB_ins_code 
_struct_conn.pdbx_ptnr1_standard_comp_id 
_struct_conn.ptnr1_symmetry 
_struct_conn.ptnr2_label_asym_id 
_struct_conn.ptnr2_label_comp_id 
_struct_conn.ptnr2_label_seq_id 
_struct_conn.ptnr2_label_atom_id 
_struct_conn.pdbx_ptnr2_label_alt_id 
_struct_conn.pdbx_ptnr2_PDB_ins_code 
_struct_conn.ptnr1_auth_asym_id 
_struct_conn.ptnr1_auth_comp_id 
_struct_conn.ptnr1_auth_seq_id 
_struct_conn.ptnr2_auth_asym_id 
_struct_conn.ptnr2_auth_comp_id 
_struct_conn.ptnr2_auth_seq_id 
_struct_conn.ptnr2_symmetry 
_struct_conn.pdbx_ptnr3_label_atom_id 
_struct_conn.pdbx_ptnr3_label_seq_id 
_struct_conn.pdbx_ptnr3_label_comp_id 
_struct_conn.pdbx_ptnr3_label_asym_id 
_struct_conn.pdbx_ptnr3_label_alt_id 
_struct_conn.pdbx_ptnr3_PDB_ins_code 
_struct_conn.details 
_struct_conn.pdbx_dist_value 
_struct_conn.pdbx_value_order 
_struct_conn.pdbx_role 
covale1 covale both ? B THR 3  C  ? ? ? 1_555 B MLZ 4 N  ? ? C THR 3   C MLZ 4    1_555 ? ? ? ? ? ? ? 1.331 ? ? 
covale2 covale both ? B MLZ 4  C  ? ? ? 1_555 B GLN 5 N  ? ? C MLZ 4   C GLN 5    1_555 ? ? ? ? ? ? ? 1.331 ? ? 
metalc1 metalc ?    ? A CYS 7  SG ? ? ? 1_555 C ZN  . ZN L ? A CYS 868 A ZN  1001 1_555 ? ? ? ? ? ? ? 2.363 ? ? 
metalc2 metalc ?    ? A CYS 10 SG ? ? ? 1_555 C ZN  . ZN L ? A CYS 871 A ZN  1001 1_555 ? ? ? ? ? ? ? 2.313 ? ? 
metalc3 metalc ?    ? A CYS 32 SG ? ? ? 1_555 C ZN  . ZN L ? A CYS 893 A ZN  1001 1_555 ? ? ? ? ? ? ? 2.336 ? ? 
metalc4 metalc ?    ? A CYS 43 SG ? ? ? 1_555 C ZN  . ZN L ? A CYS 904 A ZN  1001 1_555 ? ? ? ? ? ? ? 2.311 ? ? 
# 
loop_
_struct_conn_type.id 
_struct_conn_type.criteria 
_struct_conn_type.reference 
covale ? ? 
metalc ? ? 
# 
loop_
_pdbx_struct_conn_angle.id 
_pdbx_struct_conn_angle.ptnr1_label_atom_id 
_pdbx_struct_conn_angle.ptnr1_label_alt_id 
_pdbx_struct_conn_angle.ptnr1_label_asym_id 
_pdbx_struct_conn_angle.ptnr1_label_comp_id 
_pdbx_struct_conn_angle.ptnr1_label_seq_id 
_pdbx_struct_conn_angle.ptnr1_auth_atom_id 
_pdbx_struct_conn_angle.ptnr1_auth_asym_id 
_pdbx_struct_conn_angle.ptnr1_auth_comp_id 
_pdbx_struct_conn_angle.ptnr1_auth_seq_id 
_pdbx_struct_conn_angle.ptnr1_PDB_ins_code 
_pdbx_struct_conn_angle.ptnr1_symmetry 
_pdbx_struct_conn_angle.ptnr2_label_atom_id 
_pdbx_struct_conn_angle.ptnr2_label_alt_id 
_pdbx_struct_conn_angle.ptnr2_label_asym_id 
_pdbx_struct_conn_angle.ptnr2_label_comp_id 
_pdbx_struct_conn_angle.ptnr2_label_seq_id 
_pdbx_struct_conn_angle.ptnr2_auth_atom_id 
_pdbx_struct_conn_angle.ptnr2_auth_asym_id 
_pdbx_struct_conn_angle.ptnr2_auth_comp_id 
_pdbx_struct_conn_angle.ptnr2_auth_seq_id 
_pdbx_struct_conn_angle.ptnr2_PDB_ins_code 
_pdbx_struct_conn_angle.ptnr2_symmetry 
_pdbx_struct_conn_angle.ptnr3_label_atom_id 
_pdbx_struct_conn_angle.ptnr3_label_alt_id 
_pdbx_struct_conn_angle.ptnr3_label_asym_id 
_pdbx_struct_conn_angle.ptnr3_label_comp_id 
_pdbx_struct_conn_angle.ptnr3_label_seq_id 
_pdbx_struct_conn_angle.ptnr3_auth_atom_id 
_pdbx_struct_conn_angle.ptnr3_auth_asym_id 
_pdbx_struct_conn_angle.ptnr3_auth_comp_id 
_pdbx_struct_conn_angle.ptnr3_auth_seq_id 
_pdbx_struct_conn_angle.ptnr3_PDB_ins_code 
_pdbx_struct_conn_angle.ptnr3_symmetry 
_pdbx_struct_conn_angle.value 
_pdbx_struct_conn_angle.value_esd 
1 SG ? A CYS 7  ? A CYS 868 ? 1_555 ZN L C ZN . ? A ZN 1001 ? 1_555 SG ? A CYS 10 ? A CYS 871 ? 1_555 109.8 ? 
2 SG ? A CYS 7  ? A CYS 868 ? 1_555 ZN L C ZN . ? A ZN 1001 ? 1_555 SG ? A CYS 32 ? A CYS 893 ? 1_555 102.6 ? 
3 SG ? A CYS 10 ? A CYS 871 ? 1_555 ZN L C ZN . ? A ZN 1001 ? 1_555 SG ? A CYS 32 ? A CYS 893 ? 1_555 107.1 ? 
4 SG ? A CYS 7  ? A CYS 868 ? 1_555 ZN L C ZN . ? A ZN 1001 ? 1_555 SG ? A CYS 43 ? A CYS 904 ? 1_555 107.7 ? 
5 SG ? A CYS 10 ? A CYS 871 ? 1_555 ZN L C ZN . ? A ZN 1001 ? 1_555 SG ? A CYS 43 ? A CYS 904 ? 1_555 111.3 ? 
6 SG ? A CYS 32 ? A CYS 893 ? 1_555 ZN L C ZN . ? A ZN 1001 ? 1_555 SG ? A CYS 43 ? A CYS 904 ? 1_555 117.9 ? 
# 
_pdbx_modification_feature.ordinal                            1 
_pdbx_modification_feature.label_comp_id                      MLZ 
_pdbx_modification_feature.label_asym_id                      B 
_pdbx_modification_feature.label_seq_id                       4 
_pdbx_modification_feature.label_alt_id                       ? 
_pdbx_modification_feature.modified_residue_label_comp_id     . 
_pdbx_modification_feature.modified_residue_label_asym_id     . 
_pdbx_modification_feature.modified_residue_label_seq_id      . 
_pdbx_modification_feature.modified_residue_label_alt_id      . 
_pdbx_modification_feature.auth_comp_id                       MLZ 
_pdbx_modification_feature.auth_asym_id                       C 
_pdbx_modification_feature.auth_seq_id                        4 
_pdbx_modification_feature.PDB_ins_code                       ? 
_pdbx_modification_feature.symmetry                           1_555 
_pdbx_modification_feature.modified_residue_auth_comp_id      . 
_pdbx_modification_feature.modified_residue_auth_asym_id      . 
_pdbx_modification_feature.modified_residue_auth_seq_id       . 
_pdbx_modification_feature.modified_residue_PDB_ins_code      . 
_pdbx_modification_feature.modified_residue_symmetry          . 
_pdbx_modification_feature.comp_id_linking_atom               . 
_pdbx_modification_feature.modified_residue_id_linking_atom   . 
_pdbx_modification_feature.modified_residue_id                LYS 
_pdbx_modification_feature.ref_pcm_id                         1 
_pdbx_modification_feature.ref_comp_id                        MLZ 
_pdbx_modification_feature.type                               Methylation 
_pdbx_modification_feature.category                           'Named protein modification' 
# 
_struct_sheet.id               AA1 
_struct_sheet.type             ? 
_struct_sheet.number_strands   3 
_struct_sheet.details          ? 
# 
loop_
_struct_sheet_order.sheet_id 
_struct_sheet_order.range_id_1 
_struct_sheet_order.range_id_2 
_struct_sheet_order.offset 
_struct_sheet_order.sense 
AA1 1 2 ? anti-parallel 
AA1 2 3 ? anti-parallel 
# 
loop_
_struct_sheet_range.sheet_id 
_struct_sheet_range.id 
_struct_sheet_range.beg_label_comp_id 
_struct_sheet_range.beg_label_asym_id 
_struct_sheet_range.beg_label_seq_id 
_struct_sheet_range.pdbx_beg_PDB_ins_code 
_struct_sheet_range.end_label_comp_id 
_struct_sheet_range.end_label_asym_id 
_struct_sheet_range.end_label_seq_id 
_struct_sheet_range.pdbx_end_PDB_ins_code 
_struct_sheet_range.beg_auth_comp_id 
_struct_sheet_range.beg_auth_asym_id 
_struct_sheet_range.beg_auth_seq_id 
_struct_sheet_range.end_auth_comp_id 
_struct_sheet_range.end_auth_asym_id 
_struct_sheet_range.end_auth_seq_id 
AA1 1 TRP A 13 ? PRO A 17 ? TRP A 874 PRO A 878 
AA1 2 SER A 2  ? ARG A 6  ? SER A 863 ARG A 867 
AA1 3 THR B 3  ? MLZ B 4  ? THR C 3   MLZ C 4   
# 
loop_
_pdbx_struct_sheet_hbond.sheet_id 
_pdbx_struct_sheet_hbond.range_id_1 
_pdbx_struct_sheet_hbond.range_id_2 
_pdbx_struct_sheet_hbond.range_1_label_atom_id 
_pdbx_struct_sheet_hbond.range_1_label_comp_id 
_pdbx_struct_sheet_hbond.range_1_label_asym_id 
_pdbx_struct_sheet_hbond.range_1_label_seq_id 
_pdbx_struct_sheet_hbond.range_1_PDB_ins_code 
_pdbx_struct_sheet_hbond.range_1_auth_atom_id 
_pdbx_struct_sheet_hbond.range_1_auth_comp_id 
_pdbx_struct_sheet_hbond.range_1_auth_asym_id 
_pdbx_struct_sheet_hbond.range_1_auth_seq_id 
_pdbx_struct_sheet_hbond.range_2_label_atom_id 
_pdbx_struct_sheet_hbond.range_2_label_comp_id 
_pdbx_struct_sheet_hbond.range_2_label_asym_id 
_pdbx_struct_sheet_hbond.range_2_label_seq_id 
_pdbx_struct_sheet_hbond.range_2_PDB_ins_code 
_pdbx_struct_sheet_hbond.range_2_auth_atom_id 
_pdbx_struct_sheet_hbond.range_2_auth_comp_id 
_pdbx_struct_sheet_hbond.range_2_auth_asym_id 
_pdbx_struct_sheet_hbond.range_2_auth_seq_id 
AA1 1 2 O ILE A 16 ? O ILE A 877 N ALA A 3 ? N ALA A 864 
AA1 2 3 N TRP A 4  ? N TRP A 865 O MLZ B 4 ? O MLZ C 4   
# 
loop_
_struct_site.id 
_struct_site.pdbx_evidence_code 
_struct_site.pdbx_auth_asym_id 
_struct_site.pdbx_auth_comp_id 
_struct_site.pdbx_auth_seq_id 
_struct_site.pdbx_auth_ins_code 
_struct_site.pdbx_num_residues 
_struct_site.details 
AC1 Software A ZN  1001 ? 4  'binding site for residue ZN A 1001'                                        
AC2 Software C MLZ 4    ? 11 'binding site for Ligand residues MLZ C 4 through GLN C 5 bound to THR C 3' 
# 
loop_
_struct_site_gen.id 
_struct_site_gen.site_id 
_struct_site_gen.pdbx_num_res 
_struct_site_gen.label_comp_id 
_struct_site_gen.label_asym_id 
_struct_site_gen.label_seq_id 
_struct_site_gen.pdbx_auth_ins_code 
_struct_site_gen.auth_comp_id 
_struct_site_gen.auth_asym_id 
_struct_site_gen.auth_seq_id 
_struct_site_gen.label_atom_id 
_struct_site_gen.label_alt_id 
_struct_site_gen.symmetry 
_struct_site_gen.details 
1  AC1 4  CYS A 7  ? CYS A 868 . ? 1_555 ? 
2  AC1 4  CYS A 10 ? CYS A 871 . ? 1_555 ? 
3  AC1 4  CYS A 32 ? CYS A 893 . ? 1_555 ? 
4  AC1 4  CYS A 43 ? CYS A 904 . ? 1_555 ? 
5  AC2 11 ALA A 3  ? ALA A 864 . ? 1_555 ? 
6  AC2 11 TRP A 4  ? TRP A 865 . ? 1_555 ? 
7  AC2 11 VAL A 21 ? VAL A 882 . ? 1_555 ? 
8  AC2 11 ASN A 55 ? ASN A 916 . ? 1_555 ? 
9  AC2 11 LEU A 58 ? LEU A 919 . ? 1_555 ? 
10 AC2 11 THR B 3  ? THR C 3   . ? 1_555 ? 
11 AC2 11 THR B 6  ? THR C 6   . ? 1_555 ? 
12 AC2 11 ALA B 7  ? ALA C 7   . ? 1_555 ? 
13 AC2 11 HOH E .  ? HOH C 102 . ? 1_555 ? 
14 AC2 11 HOH E .  ? HOH C 103 . ? 1_555 ? 
15 AC2 11 HOH E .  ? HOH C 106 . ? 1_555 ? 
# 
_pdbx_entry_details.entry_id                   5YVX 
_pdbx_entry_details.compound_details           ? 
_pdbx_entry_details.source_details             ? 
_pdbx_entry_details.nonpolymer_details         ? 
_pdbx_entry_details.sequence_details           ? 
_pdbx_entry_details.has_ligand_of_interest     ? 
_pdbx_entry_details.has_protein_modification   Y 
# 
_pdbx_validate_close_contact.id               1 
_pdbx_validate_close_contact.PDB_model_num    1 
_pdbx_validate_close_contact.auth_atom_id_1   O 
_pdbx_validate_close_contact.auth_asym_id_1   A 
_pdbx_validate_close_contact.auth_comp_id_1   HOH 
_pdbx_validate_close_contact.auth_seq_id_1    1132 
_pdbx_validate_close_contact.PDB_ins_code_1   ? 
_pdbx_validate_close_contact.label_alt_id_1   ? 
_pdbx_validate_close_contact.auth_atom_id_2   O 
_pdbx_validate_close_contact.auth_asym_id_2   A 
_pdbx_validate_close_contact.auth_comp_id_2   HOH 
_pdbx_validate_close_contact.auth_seq_id_2    1165 
_pdbx_validate_close_contact.PDB_ins_code_2   ? 
_pdbx_validate_close_contact.label_alt_id_2   ? 
_pdbx_validate_close_contact.dist             1.91 
# 
_pdbx_validate_symm_contact.id                1 
_pdbx_validate_symm_contact.PDB_model_num     1 
_pdbx_validate_symm_contact.auth_atom_id_1    O 
_pdbx_validate_symm_contact.auth_asym_id_1    A 
_pdbx_validate_symm_contact.auth_comp_id_1    HOH 
_pdbx_validate_symm_contact.auth_seq_id_1     1157 
_pdbx_validate_symm_contact.PDB_ins_code_1    ? 
_pdbx_validate_symm_contact.label_alt_id_1    ? 
_pdbx_validate_symm_contact.site_symmetry_1   1_555 
_pdbx_validate_symm_contact.auth_atom_id_2    O 
_pdbx_validate_symm_contact.auth_asym_id_2    A 
_pdbx_validate_symm_contact.auth_comp_id_2    HOH 
_pdbx_validate_symm_contact.auth_seq_id_2     1169 
_pdbx_validate_symm_contact.PDB_ins_code_2    ? 
_pdbx_validate_symm_contact.label_alt_id_2    ? 
_pdbx_validate_symm_contact.site_symmetry_2   1_556 
_pdbx_validate_symm_contact.dist              1.84 
# 
loop_
_pdbx_struct_special_symmetry.id 
_pdbx_struct_special_symmetry.PDB_model_num 
_pdbx_struct_special_symmetry.auth_asym_id 
_pdbx_struct_special_symmetry.auth_comp_id 
_pdbx_struct_special_symmetry.auth_seq_id 
_pdbx_struct_special_symmetry.PDB_ins_code 
_pdbx_struct_special_symmetry.label_asym_id 
_pdbx_struct_special_symmetry.label_comp_id 
_pdbx_struct_special_symmetry.label_seq_id 
1 1 A HOH 1173 ? D HOH . 
2 1 C HOH 105  ? E HOH . 
3 1 C HOH 108  ? E HOH . 
# 
loop_
_pdbx_unobs_or_zero_occ_residues.id 
_pdbx_unobs_or_zero_occ_residues.PDB_model_num 
_pdbx_unobs_or_zero_occ_residues.polymer_flag 
_pdbx_unobs_or_zero_occ_residues.occupancy_flag 
_pdbx_unobs_or_zero_occ_residues.auth_asym_id 
_pdbx_unobs_or_zero_occ_residues.auth_comp_id 
_pdbx_unobs_or_zero_occ_residues.auth_seq_id 
_pdbx_unobs_or_zero_occ_residues.PDB_ins_code 
_pdbx_unobs_or_zero_occ_residues.label_asym_id 
_pdbx_unobs_or_zero_occ_residues.label_comp_id 
_pdbx_unobs_or_zero_occ_residues.label_seq_id 
1 1 Y 1 C ARG 8 ? B ARG 8 
2 1 Y 1 C LYS 9 ? B LYS 9 
# 
loop_
_chem_comp_atom.comp_id 
_chem_comp_atom.atom_id 
_chem_comp_atom.type_symbol 
_chem_comp_atom.pdbx_aromatic_flag 
_chem_comp_atom.pdbx_stereo_config 
_chem_comp_atom.pdbx_ordinal 
ALA N    N  N N 1   
ALA CA   C  N S 2   
ALA C    C  N N 3   
ALA O    O  N N 4   
ALA CB   C  N N 5   
ALA OXT  O  N N 6   
ALA H    H  N N 7   
ALA H2   H  N N 8   
ALA HA   H  N N 9   
ALA HB1  H  N N 10  
ALA HB2  H  N N 11  
ALA HB3  H  N N 12  
ALA HXT  H  N N 13  
ARG N    N  N N 14  
ARG CA   C  N S 15  
ARG C    C  N N 16  
ARG O    O  N N 17  
ARG CB   C  N N 18  
ARG CG   C  N N 19  
ARG CD   C  N N 20  
ARG NE   N  N N 21  
ARG CZ   C  N N 22  
ARG NH1  N  N N 23  
ARG NH2  N  N N 24  
ARG OXT  O  N N 25  
ARG H    H  N N 26  
ARG H2   H  N N 27  
ARG HA   H  N N 28  
ARG HB2  H  N N 29  
ARG HB3  H  N N 30  
ARG HG2  H  N N 31  
ARG HG3  H  N N 32  
ARG HD2  H  N N 33  
ARG HD3  H  N N 34  
ARG HE   H  N N 35  
ARG HH11 H  N N 36  
ARG HH12 H  N N 37  
ARG HH21 H  N N 38  
ARG HH22 H  N N 39  
ARG HXT  H  N N 40  
ASN N    N  N N 41  
ASN CA   C  N S 42  
ASN C    C  N N 43  
ASN O    O  N N 44  
ASN CB   C  N N 45  
ASN CG   C  N N 46  
ASN OD1  O  N N 47  
ASN ND2  N  N N 48  
ASN OXT  O  N N 49  
ASN H    H  N N 50  
ASN H2   H  N N 51  
ASN HA   H  N N 52  
ASN HB2  H  N N 53  
ASN HB3  H  N N 54  
ASN HD21 H  N N 55  
ASN HD22 H  N N 56  
ASN HXT  H  N N 57  
ASP N    N  N N 58  
ASP CA   C  N S 59  
ASP C    C  N N 60  
ASP O    O  N N 61  
ASP CB   C  N N 62  
ASP CG   C  N N 63  
ASP OD1  O  N N 64  
ASP OD2  O  N N 65  
ASP OXT  O  N N 66  
ASP H    H  N N 67  
ASP H2   H  N N 68  
ASP HA   H  N N 69  
ASP HB2  H  N N 70  
ASP HB3  H  N N 71  
ASP HD2  H  N N 72  
ASP HXT  H  N N 73  
CYS N    N  N N 74  
CYS CA   C  N R 75  
CYS C    C  N N 76  
CYS O    O  N N 77  
CYS CB   C  N N 78  
CYS SG   S  N N 79  
CYS OXT  O  N N 80  
CYS H    H  N N 81  
CYS H2   H  N N 82  
CYS HA   H  N N 83  
CYS HB2  H  N N 84  
CYS HB3  H  N N 85  
CYS HG   H  N N 86  
CYS HXT  H  N N 87  
GLN N    N  N N 88  
GLN CA   C  N S 89  
GLN C    C  N N 90  
GLN O    O  N N 91  
GLN CB   C  N N 92  
GLN CG   C  N N 93  
GLN CD   C  N N 94  
GLN OE1  O  N N 95  
GLN NE2  N  N N 96  
GLN OXT  O  N N 97  
GLN H    H  N N 98  
GLN H2   H  N N 99  
GLN HA   H  N N 100 
GLN HB2  H  N N 101 
GLN HB3  H  N N 102 
GLN HG2  H  N N 103 
GLN HG3  H  N N 104 
GLN HE21 H  N N 105 
GLN HE22 H  N N 106 
GLN HXT  H  N N 107 
GLU N    N  N N 108 
GLU CA   C  N S 109 
GLU C    C  N N 110 
GLU O    O  N N 111 
GLU CB   C  N N 112 
GLU CG   C  N N 113 
GLU CD   C  N N 114 
GLU OE1  O  N N 115 
GLU OE2  O  N N 116 
GLU OXT  O  N N 117 
GLU H    H  N N 118 
GLU H2   H  N N 119 
GLU HA   H  N N 120 
GLU HB2  H  N N 121 
GLU HB3  H  N N 122 
GLU HG2  H  N N 123 
GLU HG3  H  N N 124 
GLU HE2  H  N N 125 
GLU HXT  H  N N 126 
GLY N    N  N N 127 
GLY CA   C  N N 128 
GLY C    C  N N 129 
GLY O    O  N N 130 
GLY OXT  O  N N 131 
GLY H    H  N N 132 
GLY H2   H  N N 133 
GLY HA2  H  N N 134 
GLY HA3  H  N N 135 
GLY HXT  H  N N 136 
HOH O    O  N N 137 
HOH H1   H  N N 138 
HOH H2   H  N N 139 
ILE N    N  N N 140 
ILE CA   C  N S 141 
ILE C    C  N N 142 
ILE O    O  N N 143 
ILE CB   C  N S 144 
ILE CG1  C  N N 145 
ILE CG2  C  N N 146 
ILE CD1  C  N N 147 
ILE OXT  O  N N 148 
ILE H    H  N N 149 
ILE H2   H  N N 150 
ILE HA   H  N N 151 
ILE HB   H  N N 152 
ILE HG12 H  N N 153 
ILE HG13 H  N N 154 
ILE HG21 H  N N 155 
ILE HG22 H  N N 156 
ILE HG23 H  N N 157 
ILE HD11 H  N N 158 
ILE HD12 H  N N 159 
ILE HD13 H  N N 160 
ILE HXT  H  N N 161 
LEU N    N  N N 162 
LEU CA   C  N S 163 
LEU C    C  N N 164 
LEU O    O  N N 165 
LEU CB   C  N N 166 
LEU CG   C  N N 167 
LEU CD1  C  N N 168 
LEU CD2  C  N N 169 
LEU OXT  O  N N 170 
LEU H    H  N N 171 
LEU H2   H  N N 172 
LEU HA   H  N N 173 
LEU HB2  H  N N 174 
LEU HB3  H  N N 175 
LEU HG   H  N N 176 
LEU HD11 H  N N 177 
LEU HD12 H  N N 178 
LEU HD13 H  N N 179 
LEU HD21 H  N N 180 
LEU HD22 H  N N 181 
LEU HD23 H  N N 182 
LEU HXT  H  N N 183 
LYS N    N  N N 184 
LYS CA   C  N S 185 
LYS C    C  N N 186 
LYS O    O  N N 187 
LYS CB   C  N N 188 
LYS CG   C  N N 189 
LYS CD   C  N N 190 
LYS CE   C  N N 191 
LYS NZ   N  N N 192 
LYS OXT  O  N N 193 
LYS H    H  N N 194 
LYS H2   H  N N 195 
LYS HA   H  N N 196 
LYS HB2  H  N N 197 
LYS HB3  H  N N 198 
LYS HG2  H  N N 199 
LYS HG3  H  N N 200 
LYS HD2  H  N N 201 
LYS HD3  H  N N 202 
LYS HE2  H  N N 203 
LYS HE3  H  N N 204 
LYS HZ1  H  N N 205 
LYS HZ2  H  N N 206 
LYS HZ3  H  N N 207 
LYS HXT  H  N N 208 
MET N    N  N N 209 
MET CA   C  N S 210 
MET C    C  N N 211 
MET O    O  N N 212 
MET CB   C  N N 213 
MET CG   C  N N 214 
MET SD   S  N N 215 
MET CE   C  N N 216 
MET OXT  O  N N 217 
MET H    H  N N 218 
MET H2   H  N N 219 
MET HA   H  N N 220 
MET HB2  H  N N 221 
MET HB3  H  N N 222 
MET HG2  H  N N 223 
MET HG3  H  N N 224 
MET HE1  H  N N 225 
MET HE2  H  N N 226 
MET HE3  H  N N 227 
MET HXT  H  N N 228 
MLZ N    N  N N 229 
MLZ CA   C  N S 230 
MLZ CB   C  N N 231 
MLZ CG   C  N N 232 
MLZ CD   C  N N 233 
MLZ CE   C  N N 234 
MLZ NZ   N  N N 235 
MLZ CM   C  N N 236 
MLZ C    C  N N 237 
MLZ O    O  N N 238 
MLZ OXT  O  N N 239 
MLZ H    H  N N 240 
MLZ H2   H  N N 241 
MLZ HA   H  N N 242 
MLZ HB2  H  N N 243 
MLZ HB3  H  N N 244 
MLZ HG2  H  N N 245 
MLZ HG3  H  N N 246 
MLZ HD2  H  N N 247 
MLZ HD3  H  N N 248 
MLZ HE2  H  N N 249 
MLZ HE3  H  N N 250 
MLZ HZ   H  N N 251 
MLZ HCM1 H  N N 252 
MLZ HCM2 H  N N 253 
MLZ HCM3 H  N N 254 
MLZ HXT  H  N N 255 
PHE N    N  N N 256 
PHE CA   C  N S 257 
PHE C    C  N N 258 
PHE O    O  N N 259 
PHE CB   C  N N 260 
PHE CG   C  Y N 261 
PHE CD1  C  Y N 262 
PHE CD2  C  Y N 263 
PHE CE1  C  Y N 264 
PHE CE2  C  Y N 265 
PHE CZ   C  Y N 266 
PHE OXT  O  N N 267 
PHE H    H  N N 268 
PHE H2   H  N N 269 
PHE HA   H  N N 270 
PHE HB2  H  N N 271 
PHE HB3  H  N N 272 
PHE HD1  H  N N 273 
PHE HD2  H  N N 274 
PHE HE1  H  N N 275 
PHE HE2  H  N N 276 
PHE HZ   H  N N 277 
PHE HXT  H  N N 278 
PRO N    N  N N 279 
PRO CA   C  N S 280 
PRO C    C  N N 281 
PRO O    O  N N 282 
PRO CB   C  N N 283 
PRO CG   C  N N 284 
PRO CD   C  N N 285 
PRO OXT  O  N N 286 
PRO H    H  N N 287 
PRO HA   H  N N 288 
PRO HB2  H  N N 289 
PRO HB3  H  N N 290 
PRO HG2  H  N N 291 
PRO HG3  H  N N 292 
PRO HD2  H  N N 293 
PRO HD3  H  N N 294 
PRO HXT  H  N N 295 
SER N    N  N N 296 
SER CA   C  N S 297 
SER C    C  N N 298 
SER O    O  N N 299 
SER CB   C  N N 300 
SER OG   O  N N 301 
SER OXT  O  N N 302 
SER H    H  N N 303 
SER H2   H  N N 304 
SER HA   H  N N 305 
SER HB2  H  N N 306 
SER HB3  H  N N 307 
SER HG   H  N N 308 
SER HXT  H  N N 309 
THR N    N  N N 310 
THR CA   C  N S 311 
THR C    C  N N 312 
THR O    O  N N 313 
THR CB   C  N R 314 
THR OG1  O  N N 315 
THR CG2  C  N N 316 
THR OXT  O  N N 317 
THR H    H  N N 318 
THR H2   H  N N 319 
THR HA   H  N N 320 
THR HB   H  N N 321 
THR HG1  H  N N 322 
THR HG21 H  N N 323 
THR HG22 H  N N 324 
THR HG23 H  N N 325 
THR HXT  H  N N 326 
TRP N    N  N N 327 
TRP CA   C  N S 328 
TRP C    C  N N 329 
TRP O    O  N N 330 
TRP CB   C  N N 331 
TRP CG   C  Y N 332 
TRP CD1  C  Y N 333 
TRP CD2  C  Y N 334 
TRP NE1  N  Y N 335 
TRP CE2  C  Y N 336 
TRP CE3  C  Y N 337 
TRP CZ2  C  Y N 338 
TRP CZ3  C  Y N 339 
TRP CH2  C  Y N 340 
TRP OXT  O  N N 341 
TRP H    H  N N 342 
TRP H2   H  N N 343 
TRP HA   H  N N 344 
TRP HB2  H  N N 345 
TRP HB3  H  N N 346 
TRP HD1  H  N N 347 
TRP HE1  H  N N 348 
TRP HE3  H  N N 349 
TRP HZ2  H  N N 350 
TRP HZ3  H  N N 351 
TRP HH2  H  N N 352 
TRP HXT  H  N N 353 
VAL N    N  N N 354 
VAL CA   C  N S 355 
VAL C    C  N N 356 
VAL O    O  N N 357 
VAL CB   C  N N 358 
VAL CG1  C  N N 359 
VAL CG2  C  N N 360 
VAL OXT  O  N N 361 
VAL H    H  N N 362 
VAL H2   H  N N 363 
VAL HA   H  N N 364 
VAL HB   H  N N 365 
VAL HG11 H  N N 366 
VAL HG12 H  N N 367 
VAL HG13 H  N N 368 
VAL HG21 H  N N 369 
VAL HG22 H  N N 370 
VAL HG23 H  N N 371 
VAL HXT  H  N N 372 
ZN  ZN   ZN N N 373 
# 
loop_
_chem_comp_bond.comp_id 
_chem_comp_bond.atom_id_1 
_chem_comp_bond.atom_id_2 
_chem_comp_bond.value_order 
_chem_comp_bond.pdbx_aromatic_flag 
_chem_comp_bond.pdbx_stereo_config 
_chem_comp_bond.pdbx_ordinal 
ALA N   CA   sing N N 1   
ALA N   H    sing N N 2   
ALA N   H2   sing N N 3   
ALA CA  C    sing N N 4   
ALA CA  CB   sing N N 5   
ALA CA  HA   sing N N 6   
ALA C   O    doub N N 7   
ALA C   OXT  sing N N 8   
ALA CB  HB1  sing N N 9   
ALA CB  HB2  sing N N 10  
ALA CB  HB3  sing N N 11  
ALA OXT HXT  sing N N 12  
ARG N   CA   sing N N 13  
ARG N   H    sing N N 14  
ARG N   H2   sing N N 15  
ARG CA  C    sing N N 16  
ARG CA  CB   sing N N 17  
ARG CA  HA   sing N N 18  
ARG C   O    doub N N 19  
ARG C   OXT  sing N N 20  
ARG CB  CG   sing N N 21  
ARG CB  HB2  sing N N 22  
ARG CB  HB3  sing N N 23  
ARG CG  CD   sing N N 24  
ARG CG  HG2  sing N N 25  
ARG CG  HG3  sing N N 26  
ARG CD  NE   sing N N 27  
ARG CD  HD2  sing N N 28  
ARG CD  HD3  sing N N 29  
ARG NE  CZ   sing N N 30  
ARG NE  HE   sing N N 31  
ARG CZ  NH1  sing N N 32  
ARG CZ  NH2  doub N N 33  
ARG NH1 HH11 sing N N 34  
ARG NH1 HH12 sing N N 35  
ARG NH2 HH21 sing N N 36  
ARG NH2 HH22 sing N N 37  
ARG OXT HXT  sing N N 38  
ASN N   CA   sing N N 39  
ASN N   H    sing N N 40  
ASN N   H2   sing N N 41  
ASN CA  C    sing N N 42  
ASN CA  CB   sing N N 43  
ASN CA  HA   sing N N 44  
ASN C   O    doub N N 45  
ASN C   OXT  sing N N 46  
ASN CB  CG   sing N N 47  
ASN CB  HB2  sing N N 48  
ASN CB  HB3  sing N N 49  
ASN CG  OD1  doub N N 50  
ASN CG  ND2  sing N N 51  
ASN ND2 HD21 sing N N 52  
ASN ND2 HD22 sing N N 53  
ASN OXT HXT  sing N N 54  
ASP N   CA   sing N N 55  
ASP N   H    sing N N 56  
ASP N   H2   sing N N 57  
ASP CA  C    sing N N 58  
ASP CA  CB   sing N N 59  
ASP CA  HA   sing N N 60  
ASP C   O    doub N N 61  
ASP C   OXT  sing N N 62  
ASP CB  CG   sing N N 63  
ASP CB  HB2  sing N N 64  
ASP CB  HB3  sing N N 65  
ASP CG  OD1  doub N N 66  
ASP CG  OD2  sing N N 67  
ASP OD2 HD2  sing N N 68  
ASP OXT HXT  sing N N 69  
CYS N   CA   sing N N 70  
CYS N   H    sing N N 71  
CYS N   H2   sing N N 72  
CYS CA  C    sing N N 73  
CYS CA  CB   sing N N 74  
CYS CA  HA   sing N N 75  
CYS C   O    doub N N 76  
CYS C   OXT  sing N N 77  
CYS CB  SG   sing N N 78  
CYS CB  HB2  sing N N 79  
CYS CB  HB3  sing N N 80  
CYS SG  HG   sing N N 81  
CYS OXT HXT  sing N N 82  
GLN N   CA   sing N N 83  
GLN N   H    sing N N 84  
GLN N   H2   sing N N 85  
GLN CA  C    sing N N 86  
GLN CA  CB   sing N N 87  
GLN CA  HA   sing N N 88  
GLN C   O    doub N N 89  
GLN C   OXT  sing N N 90  
GLN CB  CG   sing N N 91  
GLN CB  HB2  sing N N 92  
GLN CB  HB3  sing N N 93  
GLN CG  CD   sing N N 94  
GLN CG  HG2  sing N N 95  
GLN CG  HG3  sing N N 96  
GLN CD  OE1  doub N N 97  
GLN CD  NE2  sing N N 98  
GLN NE2 HE21 sing N N 99  
GLN NE2 HE22 sing N N 100 
GLN OXT HXT  sing N N 101 
GLU N   CA   sing N N 102 
GLU N   H    sing N N 103 
GLU N   H2   sing N N 104 
GLU CA  C    sing N N 105 
GLU CA  CB   sing N N 106 
GLU CA  HA   sing N N 107 
GLU C   O    doub N N 108 
GLU C   OXT  sing N N 109 
GLU CB  CG   sing N N 110 
GLU CB  HB2  sing N N 111 
GLU CB  HB3  sing N N 112 
GLU CG  CD   sing N N 113 
GLU CG  HG2  sing N N 114 
GLU CG  HG3  sing N N 115 
GLU CD  OE1  doub N N 116 
GLU CD  OE2  sing N N 117 
GLU OE2 HE2  sing N N 118 
GLU OXT HXT  sing N N 119 
GLY N   CA   sing N N 120 
GLY N   H    sing N N 121 
GLY N   H2   sing N N 122 
GLY CA  C    sing N N 123 
GLY CA  HA2  sing N N 124 
GLY CA  HA3  sing N N 125 
GLY C   O    doub N N 126 
GLY C   OXT  sing N N 127 
GLY OXT HXT  sing N N 128 
HOH O   H1   sing N N 129 
HOH O   H2   sing N N 130 
ILE N   CA   sing N N 131 
ILE N   H    sing N N 132 
ILE N   H2   sing N N 133 
ILE CA  C    sing N N 134 
ILE CA  CB   sing N N 135 
ILE CA  HA   sing N N 136 
ILE C   O    doub N N 137 
ILE C   OXT  sing N N 138 
ILE CB  CG1  sing N N 139 
ILE CB  CG2  sing N N 140 
ILE CB  HB   sing N N 141 
ILE CG1 CD1  sing N N 142 
ILE CG1 HG12 sing N N 143 
ILE CG1 HG13 sing N N 144 
ILE CG2 HG21 sing N N 145 
ILE CG2 HG22 sing N N 146 
ILE CG2 HG23 sing N N 147 
ILE CD1 HD11 sing N N 148 
ILE CD1 HD12 sing N N 149 
ILE CD1 HD13 sing N N 150 
ILE OXT HXT  sing N N 151 
LEU N   CA   sing N N 152 
LEU N   H    sing N N 153 
LEU N   H2   sing N N 154 
LEU CA  C    sing N N 155 
LEU CA  CB   sing N N 156 
LEU CA  HA   sing N N 157 
LEU C   O    doub N N 158 
LEU C   OXT  sing N N 159 
LEU CB  CG   sing N N 160 
LEU CB  HB2  sing N N 161 
LEU CB  HB3  sing N N 162 
LEU CG  CD1  sing N N 163 
LEU CG  CD2  sing N N 164 
LEU CG  HG   sing N N 165 
LEU CD1 HD11 sing N N 166 
LEU CD1 HD12 sing N N 167 
LEU CD1 HD13 sing N N 168 
LEU CD2 HD21 sing N N 169 
LEU CD2 HD22 sing N N 170 
LEU CD2 HD23 sing N N 171 
LEU OXT HXT  sing N N 172 
LYS N   CA   sing N N 173 
LYS N   H    sing N N 174 
LYS N   H2   sing N N 175 
LYS CA  C    sing N N 176 
LYS CA  CB   sing N N 177 
LYS CA  HA   sing N N 178 
LYS C   O    doub N N 179 
LYS C   OXT  sing N N 180 
LYS CB  CG   sing N N 181 
LYS CB  HB2  sing N N 182 
LYS CB  HB3  sing N N 183 
LYS CG  CD   sing N N 184 
LYS CG  HG2  sing N N 185 
LYS CG  HG3  sing N N 186 
LYS CD  CE   sing N N 187 
LYS CD  HD2  sing N N 188 
LYS CD  HD3  sing N N 189 
LYS CE  NZ   sing N N 190 
LYS CE  HE2  sing N N 191 
LYS CE  HE3  sing N N 192 
LYS NZ  HZ1  sing N N 193 
LYS NZ  HZ2  sing N N 194 
LYS NZ  HZ3  sing N N 195 
LYS OXT HXT  sing N N 196 
MET N   CA   sing N N 197 
MET N   H    sing N N 198 
MET N   H2   sing N N 199 
MET CA  C    sing N N 200 
MET CA  CB   sing N N 201 
MET CA  HA   sing N N 202 
MET C   O    doub N N 203 
MET C   OXT  sing N N 204 
MET CB  CG   sing N N 205 
MET CB  HB2  sing N N 206 
MET CB  HB3  sing N N 207 
MET CG  SD   sing N N 208 
MET CG  HG2  sing N N 209 
MET CG  HG3  sing N N 210 
MET SD  CE   sing N N 211 
MET CE  HE1  sing N N 212 
MET CE  HE2  sing N N 213 
MET CE  HE3  sing N N 214 
MET OXT HXT  sing N N 215 
MLZ N   CA   sing N N 216 
MLZ N   H    sing N N 217 
MLZ N   H2   sing N N 218 
MLZ CA  CB   sing N N 219 
MLZ CA  C    sing N N 220 
MLZ CA  HA   sing N N 221 
MLZ CB  CG   sing N N 222 
MLZ CB  HB2  sing N N 223 
MLZ CB  HB3  sing N N 224 
MLZ CG  CD   sing N N 225 
MLZ CG  HG2  sing N N 226 
MLZ CG  HG3  sing N N 227 
MLZ CD  CE   sing N N 228 
MLZ CD  HD2  sing N N 229 
MLZ CD  HD3  sing N N 230 
MLZ CE  NZ   sing N N 231 
MLZ CE  HE2  sing N N 232 
MLZ CE  HE3  sing N N 233 
MLZ NZ  CM   sing N N 234 
MLZ NZ  HZ   sing N N 235 
MLZ CM  HCM1 sing N N 236 
MLZ CM  HCM2 sing N N 237 
MLZ CM  HCM3 sing N N 238 
MLZ C   O    doub N N 239 
MLZ C   OXT  sing N N 240 
MLZ OXT HXT  sing N N 241 
PHE N   CA   sing N N 242 
PHE N   H    sing N N 243 
PHE N   H2   sing N N 244 
PHE CA  C    sing N N 245 
PHE CA  CB   sing N N 246 
PHE CA  HA   sing N N 247 
PHE C   O    doub N N 248 
PHE C   OXT  sing N N 249 
PHE CB  CG   sing N N 250 
PHE CB  HB2  sing N N 251 
PHE CB  HB3  sing N N 252 
PHE CG  CD1  doub Y N 253 
PHE CG  CD2  sing Y N 254 
PHE CD1 CE1  sing Y N 255 
PHE CD1 HD1  sing N N 256 
PHE CD2 CE2  doub Y N 257 
PHE CD2 HD2  sing N N 258 
PHE CE1 CZ   doub Y N 259 
PHE CE1 HE1  sing N N 260 
PHE CE2 CZ   sing Y N 261 
PHE CE2 HE2  sing N N 262 
PHE CZ  HZ   sing N N 263 
PHE OXT HXT  sing N N 264 
PRO N   CA   sing N N 265 
PRO N   CD   sing N N 266 
PRO N   H    sing N N 267 
PRO CA  C    sing N N 268 
PRO CA  CB   sing N N 269 
PRO CA  HA   sing N N 270 
PRO C   O    doub N N 271 
PRO C   OXT  sing N N 272 
PRO CB  CG   sing N N 273 
PRO CB  HB2  sing N N 274 
PRO CB  HB3  sing N N 275 
PRO CG  CD   sing N N 276 
PRO CG  HG2  sing N N 277 
PRO CG  HG3  sing N N 278 
PRO CD  HD2  sing N N 279 
PRO CD  HD3  sing N N 280 
PRO OXT HXT  sing N N 281 
SER N   CA   sing N N 282 
SER N   H    sing N N 283 
SER N   H2   sing N N 284 
SER CA  C    sing N N 285 
SER CA  CB   sing N N 286 
SER CA  HA   sing N N 287 
SER C   O    doub N N 288 
SER C   OXT  sing N N 289 
SER CB  OG   sing N N 290 
SER CB  HB2  sing N N 291 
SER CB  HB3  sing N N 292 
SER OG  HG   sing N N 293 
SER OXT HXT  sing N N 294 
THR N   CA   sing N N 295 
THR N   H    sing N N 296 
THR N   H2   sing N N 297 
THR CA  C    sing N N 298 
THR CA  CB   sing N N 299 
THR CA  HA   sing N N 300 
THR C   O    doub N N 301 
THR C   OXT  sing N N 302 
THR CB  OG1  sing N N 303 
THR CB  CG2  sing N N 304 
THR CB  HB   sing N N 305 
THR OG1 HG1  sing N N 306 
THR CG2 HG21 sing N N 307 
THR CG2 HG22 sing N N 308 
THR CG2 HG23 sing N N 309 
THR OXT HXT  sing N N 310 
TRP N   CA   sing N N 311 
TRP N   H    sing N N 312 
TRP N   H2   sing N N 313 
TRP CA  C    sing N N 314 
TRP CA  CB   sing N N 315 
TRP CA  HA   sing N N 316 
TRP C   O    doub N N 317 
TRP C   OXT  sing N N 318 
TRP CB  CG   sing N N 319 
TRP CB  HB2  sing N N 320 
TRP CB  HB3  sing N N 321 
TRP CG  CD1  doub Y N 322 
TRP CG  CD2  sing Y N 323 
TRP CD1 NE1  sing Y N 324 
TRP CD1 HD1  sing N N 325 
TRP CD2 CE2  doub Y N 326 
TRP CD2 CE3  sing Y N 327 
TRP NE1 CE2  sing Y N 328 
TRP NE1 HE1  sing N N 329 
TRP CE2 CZ2  sing Y N 330 
TRP CE3 CZ3  doub Y N 331 
TRP CE3 HE3  sing N N 332 
TRP CZ2 CH2  doub Y N 333 
TRP CZ2 HZ2  sing N N 334 
TRP CZ3 CH2  sing Y N 335 
TRP CZ3 HZ3  sing N N 336 
TRP CH2 HH2  sing N N 337 
TRP OXT HXT  sing N N 338 
VAL N   CA   sing N N 339 
VAL N   H    sing N N 340 
VAL N   H2   sing N N 341 
VAL CA  C    sing N N 342 
VAL CA  CB   sing N N 343 
VAL CA  HA   sing N N 344 
VAL C   O    doub N N 345 
VAL C   OXT  sing N N 346 
VAL CB  CG1  sing N N 347 
VAL CB  CG2  sing N N 348 
VAL CB  HB   sing N N 349 
VAL CG1 HG11 sing N N 350 
VAL CG1 HG12 sing N N 351 
VAL CG1 HG13 sing N N 352 
VAL CG2 HG21 sing N N 353 
VAL CG2 HG22 sing N N 354 
VAL CG2 HG23 sing N N 355 
VAL OXT HXT  sing N N 356 
# 
_atom_sites.entry_id                    5YVX 
_atom_sites.fract_transf_matrix[1][1]   -0.00088318 
_atom_sites.fract_transf_matrix[1][2]   0.01325310 
_atom_sites.fract_transf_matrix[1][3]   0.01121513 
_atom_sites.fract_transf_matrix[2][1]   0.01136802 
_atom_sites.fract_transf_matrix[2][2]   0.00106544 
_atom_sites.fract_transf_matrix[2][3]   0.01310997 
_atom_sites.fract_transf_matrix[3][1]   0.02114135 
_atom_sites.fract_transf_matrix[3][2]   0.01817183 
_atom_sites.fract_transf_matrix[3][3]   -0.01980908 
_atom_sites.fract_transf_vector[1]      1.328147 
_atom_sites.fract_transf_vector[2]      1.867422 
_atom_sites.fract_transf_vector[3]      0.764819 
# 
loop_
_atom_type.symbol 
C  
N  
O  
S  
ZN 
# 
loop_
_atom_site.group_PDB 
_atom_site.id 
_atom_site.type_symbol 
_atom_site.label_atom_id 
_atom_site.label_alt_id 
_atom_site.label_comp_id 
_atom_site.label_asym_id 
_atom_site.label_entity_id 
_atom_site.label_seq_id 
_atom_site.pdbx_PDB_ins_code 
_atom_site.Cartn_x 
_atom_site.Cartn_y 
_atom_site.Cartn_z 
_atom_site.occupancy 
_atom_site.B_iso_or_equiv 
_atom_site.pdbx_formal_charge 
_atom_site.auth_seq_id 
_atom_site.auth_comp_id 
_atom_site.auth_asym_id 
_atom_site.auth_atom_id 
_atom_site.pdbx_PDB_model_num 
ATOM   1   N  N   . GLU A 1 1  ? 7.978   -9.972  4.428   1.00 48.80 ? 862  GLU A N   1 
ATOM   2   C  CA  . GLU A 1 1  ? 7.761   -9.555  3.048   1.00 44.24 ? 862  GLU A CA  1 
ATOM   3   C  C   . GLU A 1 1  ? 7.057   -8.202  3.010   1.00 41.18 ? 862  GLU A C   1 
ATOM   4   O  O   . GLU A 1 1  ? 6.914   -7.529  4.039   1.00 40.10 ? 862  GLU A O   1 
ATOM   5   C  CB  . GLU A 1 1  ? 6.947   -10.607 2.290   1.00 43.94 ? 862  GLU A CB  1 
ATOM   6   N  N   . SER A 1 2  ? 6.628   -7.801  1.820   1.00 39.00 ? 863  SER A N   1 
ATOM   7   C  CA  . SER A 1 2  ? 5.859   -6.575  1.670   1.00 32.38 ? 863  SER A CA  1 
ATOM   8   C  C   . SER A 1 2  ? 4.398   -6.865  1.384   1.00 29.64 ? 863  SER A C   1 
ATOM   9   O  O   . SER A 1 2  ? 4.048   -7.882  0.780   1.00 31.71 ? 863  SER A O   1 
ATOM   10  C  CB  . SER A 1 2  ? 6.430   -5.704  0.550   1.00 31.32 ? 863  SER A CB  1 
ATOM   11  O  OG  . SER A 1 2  ? 7.676   -5.144  0.910   1.00 39.09 ? 863  SER A OG  1 
ATOM   12  N  N   . ALA A 1 3  ? 3.544   -5.960  1.836   1.00 26.06 ? 864  ALA A N   1 
ATOM   13  C  CA  . ALA A 1 3  ? 2.164   -5.933  1.397   1.00 24.36 ? 864  ALA A CA  1 
ATOM   14  C  C   . ALA A 1 3  ? 1.924   -4.539  0.829   1.00 22.88 ? 864  ALA A C   1 
ATOM   15  O  O   . ALA A 1 3  ? 2.811   -3.682  0.881   1.00 25.02 ? 864  ALA A O   1 
ATOM   16  C  CB  . ALA A 1 3  ? 1.213   -6.245  2.533   1.00 27.19 ? 864  ALA A CB  1 
ATOM   17  N  N   . TRP A 1 4  ? 0.741   -4.319  0.279   1.00 22.77 ? 865  TRP A N   1 
ATOM   18  C  CA  . TRP A 1 4  ? 0.432   -3.032  -0.324  1.00 19.90 ? 865  TRP A CA  1 
ATOM   19  C  C   . TRP A 1 4  ? -0.920  -2.539  0.162   1.00 18.94 ? 865  TRP A C   1 
ATOM   20  O  O   . TRP A 1 4  ? -1.863  -3.320  0.317   1.00 22.83 ? 865  TRP A O   1 
ATOM   21  C  CB  . TRP A 1 4  ? 0.467   -3.146  -1.855  1.00 19.10 ? 865  TRP A CB  1 
ATOM   22  C  CG  . TRP A 1 4  ? 1.833   -3.483  -2.358  1.00 22.75 ? 865  TRP A CG  1 
ATOM   23  C  CD1 . TRP A 1 4  ? 2.450   -4.705  -2.324  1.00 22.44 ? 865  TRP A CD1 1 
ATOM   24  C  CD2 . TRP A 1 4  ? 2.781   -2.573  -2.938  1.00 20.51 ? 865  TRP A CD2 1 
ATOM   25  N  NE1 . TRP A 1 4  ? 3.717   -4.609  -2.861  1.00 22.40 ? 865  TRP A NE1 1 
ATOM   26  C  CE2 . TRP A 1 4  ? 3.941   -3.316  -3.242  1.00 20.81 ? 865  TRP A CE2 1 
ATOM   27  C  CE3 . TRP A 1 4  ? 2.749   -1.207  -3.244  1.00 20.65 ? 865  TRP A CE3 1 
ATOM   28  C  CZ2 . TRP A 1 4  ? 5.060   -2.734  -3.848  1.00 21.62 ? 865  TRP A CZ2 1 
ATOM   29  C  CZ3 . TRP A 1 4  ? 3.860   -0.633  -3.827  1.00 22.39 ? 865  TRP A CZ3 1 
ATOM   30  C  CH2 . TRP A 1 4  ? 5.005   -1.401  -4.127  1.00 22.61 ? 865  TRP A CH2 1 
ATOM   31  N  N   . VAL A 1 5  ? -1.001  -1.241  0.449   1.00 17.83 ? 866  VAL A N   1 
ATOM   32  C  CA  . VAL A 1 5  ? -2.263  -0.652  0.877   1.00 19.06 ? 866  VAL A CA  1 
ATOM   33  C  C   . VAL A 1 5  ? -2.617  0.523   -0.050  1.00 18.81 ? 866  VAL A C   1 
ATOM   34  O  O   . VAL A 1 5  ? -1.741  1.286   -0.462  1.00 19.34 ? 866  VAL A O   1 
ATOM   35  C  CB  . VAL A 1 5  ? -2.207  -0.194  2.369   1.00 19.06 ? 866  VAL A CB  1 
ATOM   36  C  CG1 . VAL A 1 5  ? -1.037  0.753   2.623   1.00 19.51 ? 866  VAL A CG1 1 
ATOM   37  C  CG2 . VAL A 1 5  ? -3.543  0.443   2.802   1.00 19.10 ? 866  VAL A CG2 1 
ATOM   38  N  N   . ARG A 1 6  ? -3.903  0.645   -0.374  1.00 18.70 ? 867  ARG A N   1 
ATOM   39  C  CA  . ARG A 1 6  ? -4.405  1.733   -1.215  1.00 19.61 ? 867  ARG A CA  1 
ATOM   40  C  C   . ARG A 1 6  ? -4.756  2.954   -0.363  1.00 19.28 ? 867  ARG A C   1 
ATOM   41  O  O   . ARG A 1 6  ? -5.547  2.859   0.570   1.00 19.49 ? 867  ARG A O   1 
ATOM   42  C  CB  . ARG A 1 6  ? -5.639  1.268   -2.013  1.00 19.39 ? 867  ARG A CB  1 
ATOM   43  C  CG  . ARG A 1 6  ? -6.249  2.318   -2.970  1.00 21.67 ? 867  ARG A CG  1 
ATOM   44  C  CD  . ARG A 1 6  ? -7.677  1.920   -3.434  1.00 21.88 ? 867  ARG A CD  1 
ATOM   45  N  NE  . ARG A 1 6  ? -8.688  2.101   -2.387  1.00 26.47 ? 867  ARG A NE  1 
ATOM   46  C  CZ  . ARG A 1 6  ? -10.003 2.061   -2.589  1.00 30.41 ? 867  ARG A CZ  1 
ATOM   47  N  NH1 . ARG A 1 6  ? -10.487 1.846   -3.806  1.00 31.71 ? 867  ARG A NH1 1 
ATOM   48  N  NH2 . ARG A 1 6  ? -10.840 2.243   -1.574  1.00 36.08 ? 867  ARG A NH2 1 
ATOM   49  N  N   . CYS A 1 7  ? -4.167  4.105   -0.679  1.00 16.31 ? 868  CYS A N   1 
ATOM   50  C  CA  . CYS A 1 7  ? -4.550  5.340   0.000   1.00 17.24 ? 868  CYS A CA  1 
ATOM   51  C  C   . CYS A 1 7  ? -6.019  5.674   -0.237  1.00 18.93 ? 868  CYS A C   1 
ATOM   52  O  O   . CYS A 1 7  ? -6.478  5.720   -1.384  1.00 18.84 ? 868  CYS A O   1 
ATOM   53  C  CB  . CYS A 1 7  ? -3.674  6.501   -0.485  1.00 16.07 ? 868  CYS A CB  1 
ATOM   54  S  SG  . CYS A 1 7  ? -4.109  8.105   0.198   1.00 16.73 ? 868  CYS A SG  1 
ATOM   55  N  N   . ASP A 1 8  ? -6.746  5.929   0.849   1.00 18.78 ? 869  ASP A N   1 
ATOM   56  C  CA  . ASP A 1 8  ? -8.163  6.283   0.755   1.00 18.08 ? 869  ASP A CA  1 
ATOM   57  C  C   . ASP A 1 8  ? -8.395  7.718   0.278   1.00 20.28 ? 869  ASP A C   1 
ATOM   58  O  O   . ASP A 1 8  ? -9.531  8.098   0.020   1.00 22.58 ? 869  ASP A O   1 
ATOM   59  C  CB  . ASP A 1 8  ? -8.851  6.069   2.100   1.00 21.91 ? 869  ASP A CB  1 
ATOM   60  C  CG  . ASP A 1 8  ? -9.166  4.609   2.354   1.00 22.98 ? 869  ASP A CG  1 
ATOM   61  O  OD1 . ASP A 1 8  ? -9.676  3.941   1.433   1.00 23.64 ? 869  ASP A OD1 1 
ATOM   62  O  OD2 . ASP A 1 8  ? -8.884  4.125   3.465   1.00 24.04 ? 869  ASP A OD2 1 
ATOM   63  N  N   . ASP A 1 9  ? -7.332  8.510   0.157   1.00 17.45 ? 870  ASP A N   1 
ATOM   64  C  CA  . ASP A 1 9  ? -7.477  9.865   -0.357  1.00 18.49 ? 870  ASP A CA  1 
ATOM   65  C  C   . ASP A 1 9  ? -7.125  9.983   -1.838  1.00 17.84 ? 870  ASP A C   1 
ATOM   66  O  O   . ASP A 1 9  ? -7.828  10.680  -2.575  1.00 19.59 ? 870  ASP A O   1 
ATOM   67  C  CB  . ASP A 1 9  ? -6.618  10.855  0.431   1.00 18.75 ? 870  ASP A CB  1 
ATOM   68  C  CG  . ASP A 1 9  ? -7.340  11.430  1.642   1.00 20.40 ? 870  ASP A CG  1 
ATOM   69  O  OD1 . ASP A 1 9  ? -8.543  11.154  1.820   1.00 21.05 ? 870  ASP A OD1 1 
ATOM   70  O  OD2 . ASP A 1 9  ? -6.684  12.161  2.406   1.00 21.91 ? 870  ASP A OD2 1 
ATOM   71  N  N   . CYS A 1 10 ? -6.041  9.332   -2.275  1.00 16.02 ? 871  CYS A N   1 
ATOM   72  C  CA  . CYS A 1 10 ? -5.584  9.449   -3.678  1.00 19.08 ? 871  CYS A CA  1 
ATOM   73  C  C   . CYS A 1 10 ? -5.566  8.131   -4.465  1.00 19.79 ? 871  CYS A C   1 
ATOM   74  O  O   . CYS A 1 10 ? -5.349  8.134   -5.673  1.00 19.67 ? 871  CYS A O   1 
ATOM   75  C  CB  . CYS A 1 10 ? -4.180  10.071  -3.734  1.00 18.39 ? 871  CYS A CB  1 
ATOM   76  S  SG  . CYS A 1 10 ? -2.822  8.909   -3.314  1.00 18.26 ? 871  CYS A SG  1 
ATOM   77  N  N   . PHE A 1 11 ? -5.746  7.018   -3.761  1.00 17.37 ? 872  PHE A N   1 
ATOM   78  C  CA  . PHE A 1 11 ? -5.903  5.679   -4.330  1.00 18.80 ? 872  PHE A CA  1 
ATOM   79  C  C   . PHE A 1 11 ? -4.653  5.121   -5.007  1.00 18.44 ? 872  PHE A C   1 
ATOM   80  O  O   . PHE A 1 11 ? -4.720  4.110   -5.698  1.00 20.39 ? 872  PHE A O   1 
ATOM   81  C  CB  . PHE A 1 11 ? -7.146  5.682   -5.233  1.00 21.55 ? 872  PHE A CB  1 
ATOM   82  C  CG  . PHE A 1 11 ? -8.351  6.180   -4.487  1.00 23.72 ? 872  PHE A CG  1 
ATOM   83  C  CD1 . PHE A 1 11 ? -8.977  5.364   -3.549  1.00 22.60 ? 872  PHE A CD1 1 
ATOM   84  C  CD2 . PHE A 1 11 ? -8.754  7.510   -4.590  1.00 25.40 ? 872  PHE A CD2 1 
ATOM   85  C  CE1 . PHE A 1 11 ? -10.048 5.837   -2.803  1.00 27.09 ? 872  PHE A CE1 1 
ATOM   86  C  CE2 . PHE A 1 11 ? -9.820  7.990   -3.831  1.00 24.80 ? 872  PHE A CE2 1 
ATOM   87  C  CZ  . PHE A 1 11 ? -10.461 7.155   -2.938  1.00 24.14 ? 872  PHE A CZ  1 
ATOM   88  N  N   . LYS A 1 12 ? -3.501  5.715   -4.711  1.00 15.75 ? 873  LYS A N   1 
ATOM   89  C  CA  . LYS A 1 12 ? -2.227  5.072   -5.026  1.00 17.34 ? 873  LYS A CA  1 
ATOM   90  C  C   . LYS A 1 12 ? -1.937  3.921   -4.059  1.00 18.70 ? 873  LYS A C   1 
ATOM   91  O  O   . LYS A 1 12 ? -2.372  3.930   -2.893  1.00 17.98 ? 873  LYS A O   1 
ATOM   92  C  CB  . LYS A 1 12 ? -1.075  6.074   -4.981  1.00 17.36 ? 873  LYS A CB  1 
ATOM   93  C  CG  . LYS A 1 12 ? -1.174  7.197   -6.026  1.00 20.02 ? 873  LYS A CG  1 
ATOM   94  C  CD  . LYS A 1 12 ? -0.017  8.175   -5.821  1.00 21.45 ? 873  LYS A CD  1 
ATOM   95  C  CE  . LYS A 1 12 ? -0.165  9.441   -6.649  1.00 24.05 ? 873  LYS A CE  1 
ATOM   96  N  NZ  . LYS A 1 12 ? -1.256  10.302  -6.121  1.00 24.80 ? 873  LYS A NZ  1 
ATOM   97  N  N   . TRP A 1 13 ? -1.188  2.944   -4.553  1.00 17.85 ? 874  TRP A N   1 
ATOM   98  C  CA  . TRP A 1 13 ? -0.800  1.787   -3.755  1.00 17.30 ? 874  TRP A CA  1 
ATOM   99  C  C   . TRP A 1 13 ? 0.550   2.024   -3.105  1.00 18.37 ? 874  TRP A C   1 
ATOM   100 O  O   . TRP A 1 13 ? 1.497   2.430   -3.777  1.00 18.79 ? 874  TRP A O   1 
ATOM   101 C  CB  . TRP A 1 13 ? -0.750  0.531   -4.613  1.00 18.31 ? 874  TRP A CB  1 
ATOM   102 C  CG  . TRP A 1 13 ? -2.080  0.138   -5.149  1.00 18.09 ? 874  TRP A CG  1 
ATOM   103 C  CD1 . TRP A 1 13 ? -2.618  0.482   -6.362  1.00 18.05 ? 874  TRP A CD1 1 
ATOM   104 C  CD2 . TRP A 1 13 ? -3.059  -0.679  -4.494  1.00 19.12 ? 874  TRP A CD2 1 
ATOM   105 N  NE1 . TRP A 1 13 ? -3.867  -0.069  -6.495  1.00 18.42 ? 874  TRP A NE1 1 
ATOM   106 C  CE2 . TRP A 1 13 ? -4.161  -0.789  -5.364  1.00 19.36 ? 874  TRP A CE2 1 
ATOM   107 C  CE3 . TRP A 1 13 ? -3.109  -1.330  -3.251  1.00 20.45 ? 874  TRP A CE3 1 
ATOM   108 C  CZ2 . TRP A 1 13 ? -5.299  -1.523  -5.041  1.00 19.25 ? 874  TRP A CZ2 1 
ATOM   109 C  CZ3 . TRP A 1 13 ? -4.249  -2.058  -2.935  1.00 21.21 ? 874  TRP A CZ3 1 
ATOM   110 C  CH2 . TRP A 1 13 ? -5.326  -2.141  -3.825  1.00 22.04 ? 874  TRP A CH2 1 
ATOM   111 N  N   . ARG A 1 14 ? 0.625   1.762   -1.801  1.00 16.75 ? 875  ARG A N   1 
ATOM   112 C  CA  . ARG A 1 14 ? 1.838   1.998   -1.020  1.00 18.10 ? 875  ARG A CA  1 
ATOM   113 C  C   . ARG A 1 14 ? 2.371   0.721   -0.373  1.00 19.09 ? 875  ARG A C   1 
ATOM   114 O  O   . ARG A 1 14 ? 1.621   -0.049  0.231   1.00 19.80 ? 875  ARG A O   1 
ATOM   115 C  CB  . ARG A 1 14 ? 1.579   3.035   0.071   1.00 16.99 ? 875  ARG A CB  1 
ATOM   116 C  CG  . ARG A 1 14 ? 1.111   4.374   -0.431  1.00 16.16 ? 875  ARG A CG  1 
ATOM   117 C  CD  . ARG A 1 14 ? 2.049   4.959   -1.475  1.00 17.24 ? 875  ARG A CD  1 
ATOM   118 N  NE  . ARG A 1 14 ? 1.721   6.360   -1.693  1.00 16.28 ? 875  ARG A NE  1 
ATOM   119 C  CZ  . ARG A 1 14 ? 2.237   7.097   -2.668  1.00 17.91 ? 875  ARG A CZ  1 
ATOM   120 N  NH1 . ARG A 1 14 ? 3.083   6.535   -3.524  1.00 17.42 ? 875  ARG A NH1 1 
ATOM   121 N  NH2 . ARG A 1 14 ? 1.886   8.371   -2.794  1.00 19.15 ? 875  ARG A NH2 1 
ATOM   122 N  N   . ARG A 1 15 ? 3.679   0.528   -0.490  1.00 18.31 ? 876  ARG A N   1 
ATOM   123 C  CA  . ARG A 1 15 ? 4.353   -0.623  0.100   1.00 20.96 ? 876  ARG A CA  1 
ATOM   124 C  C   . ARG A 1 15 ? 4.433   -0.461  1.611   1.00 22.75 ? 876  ARG A C   1 
ATOM   125 O  O   . ARG A 1 15 ? 4.878   0.571   2.100   1.00 22.61 ? 876  ARG A O   1 
ATOM   126 C  CB  . ARG A 1 15 ? 5.766   -0.773  -0.485  1.00 20.55 ? 876  ARG A CB  1 
ATOM   127 C  CG  . ARG A 1 15 ? 6.498   -2.026  -0.009  1.00 24.93 ? 876  ARG A CG  1 
ATOM   128 C  CD  . ARG A 1 15 ? 7.989   -1.942  -0.305  1.00 27.05 ? 876  ARG A CD  1 
ATOM   129 N  NE  . ARG A 1 15 ? 8.275   -1.857  -1.737  1.00 28.05 ? 876  ARG A NE  1 
ATOM   130 C  CZ  . ARG A 1 15 ? 8.402   -2.914  -2.537  1.00 27.50 ? 876  ARG A CZ  1 
ATOM   131 N  NH1 . ARG A 1 15 ? 8.263   -4.141  -2.043  1.00 29.04 ? 876  ARG A NH1 1 
ATOM   132 N  NH2 . ARG A 1 15 ? 8.665   -2.742  -3.828  1.00 26.89 ? 876  ARG A NH2 1 
ATOM   133 N  N   . ILE A 1 16 ? 3.992   -1.479  2.334   1.00 22.52 ? 877  ILE A N   1 
ATOM   134 C  CA  . ILE A 1 16 ? 4.078   -1.491  3.797   1.00 25.56 ? 877  ILE A CA  1 
ATOM   135 C  C   . ILE A 1 16 ? 4.542   -2.873  4.253   1.00 27.32 ? 877  ILE A C   1 
ATOM   136 O  O   . ILE A 1 16 ? 4.395   -3.852  3.522   1.00 26.60 ? 877  ILE A O   1 
ATOM   137 C  CB  . ILE A 1 16 ? 2.732   -1.144  4.457   1.00 24.17 ? 877  ILE A CB  1 
ATOM   138 C  CG1 . ILE A 1 16 ? 1.642   -2.104  3.985   1.00 24.76 ? 877  ILE A CG1 1 
ATOM   139 C  CG2 . ILE A 1 16 ? 2.348   0.293   4.159   1.00 22.09 ? 877  ILE A CG2 1 
ATOM   140 C  CD1 . ILE A 1 16 ? 0.368   -2.007  4.804   1.00 33.38 ? 877  ILE A CD1 1 
ATOM   141 N  N   . PRO A 1 17 ? 5.118   -2.958  5.464   1.00 27.50 ? 878  PRO A N   1 
ATOM   142 C  CA  . PRO A 1 17 ? 5.559   -4.265  5.964   1.00 28.86 ? 878  PRO A CA  1 
ATOM   143 C  C   . PRO A 1 17 ? 4.406   -5.252  6.134   1.00 28.19 ? 878  PRO A C   1 
ATOM   144 O  O   . PRO A 1 17 ? 3.343   -4.873  6.612   1.00 30.46 ? 878  PRO A O   1 
ATOM   145 C  CB  . PRO A 1 17 ? 6.188   -3.922  7.319   1.00 30.51 ? 878  PRO A CB  1 
ATOM   146 C  CG  . PRO A 1 17 ? 6.625   -2.498  7.176   1.00 32.80 ? 878  PRO A CG  1 
ATOM   147 C  CD  . PRO A 1 17 ? 5.531   -1.860  6.356   1.00 28.19 ? 878  PRO A CD  1 
ATOM   148 N  N   . ALA A 1 18 ? 4.615   -6.506  5.754   1.00 29.08 ? 879  ALA A N   1 
ATOM   149 C  CA  . ALA A 1 18 ? 3.562   -7.511  5.834   1.00 32.66 ? 879  ALA A CA  1 
ATOM   150 C  C   . ALA A 1 18 ? 3.177   -7.799  7.288   1.00 35.25 ? 879  ALA A C   1 
ATOM   151 O  O   . ALA A 1 18 ? 2.094   -8.312  7.561   1.00 35.95 ? 879  ALA A O   1 
ATOM   152 C  CB  . ALA A 1 18 ? 3.992   -8.796  5.129   1.00 35.80 ? 879  ALA A CB  1 
ATOM   153 N  N   . SER A 1 19 ? 4.060   -7.439  8.216   1.00 33.56 ? 880  SER A N   1 
ATOM   154 C  CA  . SER A 1 19 ? 3.795   -7.623  9.641   1.00 34.34 ? 880  SER A CA  1 
ATOM   155 C  C   . SER A 1 19 ? 2.755   -6.647  10.184  1.00 36.79 ? 880  SER A C   1 
ATOM   156 O  O   . SER A 1 19 ? 2.366   -6.748  11.344  1.00 34.15 ? 880  SER A O   1 
ATOM   157 C  CB  . SER A 1 19 ? 5.090   -7.485  10.441  1.00 31.49 ? 880  SER A CB  1 
ATOM   158 O  OG  . SER A 1 19 ? 5.666   -6.202  10.264  1.00 35.44 ? 880  SER A OG  1 
ATOM   159 N  N   . VAL A 1 20 ? 2.310   -5.702  9.355   1.00 37.75 ? 881  VAL A N   1 
ATOM   160 C  CA  . VAL A 1 20 ? 1.323   -4.702  9.783   1.00 37.08 ? 881  VAL A CA  1 
ATOM   161 C  C   . VAL A 1 20 ? 0.003   -4.790  8.982   1.00 36.50 ? 881  VAL A C   1 
ATOM   162 O  O   . VAL A 1 20 ? -1.068  -4.426  9.473   1.00 33.71 ? 881  VAL A O   1 
ATOM   163 C  CB  . VAL A 1 20 ? 1.917   -3.273  9.674   1.00 39.42 ? 881  VAL A CB  1 
ATOM   164 C  CG1 . VAL A 1 20 ? 0.883   -2.208  10.033  1.00 42.68 ? 881  VAL A CG1 1 
ATOM   165 C  CG2 . VAL A 1 20 ? 3.132   -3.141  10.578  1.00 40.82 ? 881  VAL A CG2 1 
ATOM   166 N  N   . VAL A 1 21 ? 0.069   -5.316  7.764   1.00 39.07 ? 882  VAL A N   1 
ATOM   167 C  CA  . VAL A 1 21 ? -1.085  -5.290  6.857   1.00 33.40 ? 882  VAL A CA  1 
ATOM   168 C  C   . VAL A 1 21 ? -2.370  -5.927  7.421   1.00 38.06 ? 882  VAL A C   1 
ATOM   169 O  O   . VAL A 1 21 ? -3.478  -5.500  7.084   1.00 35.86 ? 882  VAL A O   1 
ATOM   170 C  CB  . VAL A 1 21 ? -0.742  -5.980  5.513   1.00 38.01 ? 882  VAL A CB  1 
ATOM   171 C  CG1 . VAL A 1 21 ? -0.474  -7.465  5.711   1.00 39.46 ? 882  VAL A CG1 1 
ATOM   172 C  CG2 . VAL A 1 21 ? -1.858  -5.759  4.488   1.00 36.56 ? 882  VAL A CG2 1 
ATOM   173 N  N   . GLY A 1 22 ? -2.233  -6.924  8.294   1.00 39.13 ? 883  GLY A N   1 
ATOM   174 C  CA  . GLY A 1 22 ? -3.399  -7.608  8.834   1.00 35.08 ? 883  GLY A CA  1 
ATOM   175 C  C   . GLY A 1 22 ? -4.277  -6.710  9.693   1.00 33.45 ? 883  GLY A C   1 
ATOM   176 O  O   . GLY A 1 22 ? -5.463  -6.976  9.884   1.00 36.76 ? 883  GLY A O   1 
ATOM   177 N  N   . SER A 1 23 ? -3.688  -5.637  10.208  1.00 29.62 ? 884  SER A N   1 
ATOM   178 C  CA  . SER A 1 23 ? -4.398  -4.696  11.065  1.00 29.53 ? 884  SER A CA  1 
ATOM   179 C  C   . SER A 1 23 ? -5.174  -3.651  10.269  1.00 30.49 ? 884  SER A C   1 
ATOM   180 O  O   . SER A 1 23 ? -5.977  -2.901  10.829  1.00 27.98 ? 884  SER A O   1 
ATOM   181 C  CB  . SER A 1 23 ? -3.418  -4.001  11.999  1.00 30.55 ? 884  SER A CB  1 
ATOM   182 O  OG  . SER A 1 23 ? -2.370  -3.396  11.263  1.00 31.71 ? 884  SER A OG  1 
ATOM   183 N  N   . ILE A 1 24 ? -4.922  -3.603  8.965   1.00 25.90 ? 885  ILE A N   1 
ATOM   184 C  CA  . ILE A 1 24 ? -5.609  -2.673  8.081   1.00 26.47 ? 885  ILE A CA  1 
ATOM   185 C  C   . ILE A 1 24 ? -6.699  -3.416  7.332   1.00 31.19 ? 885  ILE A C   1 
ATOM   186 O  O   . ILE A 1 24 ? -6.432  -4.023  6.297   1.00 34.59 ? 885  ILE A O   1 
ATOM   187 C  CB  . ILE A 1 24 ? -4.644  -2.036  7.060   1.00 27.71 ? 885  ILE A CB  1 
ATOM   188 C  CG1 . ILE A 1 24 ? -3.420  -1.460  7.765   1.00 27.02 ? 885  ILE A CG1 1 
ATOM   189 C  CG2 . ILE A 1 24 ? -5.361  -0.978  6.223   1.00 29.70 ? 885  ILE A CG2 1 
ATOM   190 C  CD1 . ILE A 1 24 ? -2.367  -0.895  6.812   1.00 25.67 ? 885  ILE A CD1 1 
ATOM   191 N  N   . ASP A 1 25 ? -7.917  -3.384  7.850   1.00 33.45 ? 886  ASP A N   1 
ATOM   192 C  CA  . ASP A 1 25 ? -8.998  -4.124  7.209   1.00 37.09 ? 886  ASP A CA  1 
ATOM   193 C  C   . ASP A 1 25 ? -9.796  -3.156  6.339   1.00 37.16 ? 886  ASP A C   1 
ATOM   194 O  O   . ASP A 1 25 ? -9.423  -1.992  6.216   1.00 36.40 ? 886  ASP A O   1 
ATOM   195 C  CB  . ASP A 1 25 ? -9.873  -4.838  8.253   1.00 33.29 ? 886  ASP A CB  1 
ATOM   196 C  CG  . ASP A 1 25 ? -10.508 -3.891  9.255   1.00 35.16 ? 886  ASP A CG  1 
ATOM   197 O  OD1 . ASP A 1 25 ? -10.741 -2.714  8.922   1.00 36.64 ? 886  ASP A OD1 1 
ATOM   198 O  OD2 . ASP A 1 25 ? -10.786 -4.345  10.388  1.00 31.94 ? 886  ASP A OD2 1 
ATOM   199 N  N   . GLU A 1 26 ? -10.891 -3.601  5.742   1.00 40.17 ? 887  GLU A N   1 
ATOM   200 C  CA  . GLU A 1 26 ? -11.508 -2.752  4.738   1.00 38.18 ? 887  GLU A CA  1 
ATOM   201 C  C   . GLU A 1 26 ? -12.346 -1.606  5.330   1.00 38.41 ? 887  GLU A C   1 
ATOM   202 O  O   . GLU A 1 26 ? -12.783 -0.722  4.593   1.00 40.35 ? 887  GLU A O   1 
ATOM   203 C  CB  . GLU A 1 26 ? -12.333 -3.603  3.775   1.00 45.34 ? 887  GLU A CB  1 
ATOM   204 C  CG  . GLU A 1 26 ? -12.399 -2.972  2.389   1.00 52.64 ? 887  GLU A CG  1 
ATOM   205 C  CD  . GLU A 1 26 ? -12.485 -3.991  1.281   1.00 61.33 ? 887  GLU A CD  1 
ATOM   206 O  OE1 . GLU A 1 26 ? -13.607 -4.377  0.883   1.00 63.46 ? 887  GLU A OE1 1 
ATOM   207 O  OE2 . GLU A 1 26 ? -11.408 -4.414  0.808   1.00 61.48 ? 887  GLU A OE2 1 
ATOM   208 N  N   . SER A 1 27 ? -12.531 -1.574  6.648   1.00 35.18 ? 888  SER A N   1 
ATOM   209 C  CA  . SER A 1 27 ? -13.243 -0.453  7.253   1.00 37.29 ? 888  SER A CA  1 
ATOM   210 C  C   . SER A 1 27 ? -12.303 0.681   7.617   1.00 35.95 ? 888  SER A C   1 
ATOM   211 O  O   . SER A 1 27 ? -12.735 1.808   7.840   1.00 35.13 ? 888  SER A O   1 
ATOM   212 C  CB  . SER A 1 27 ? -13.990 -0.903  8.501   1.00 41.23 ? 888  SER A CB  1 
ATOM   213 O  OG  . SER A 1 27 ? -13.087 -1.123  9.574   1.00 39.55 ? 888  SER A OG  1 
ATOM   214 N  N   . SER A 1 28 ? -11.015 0.360   7.696   1.00 34.89 ? 889  SER A N   1 
ATOM   215 C  CA  . SER A 1 28 ? -10.001 1.300   8.149   1.00 33.80 ? 889  SER A CA  1 
ATOM   216 C  C   . SER A 1 28 ? -9.713  2.381   7.115   1.00 28.52 ? 889  SER A C   1 
ATOM   217 O  O   . SER A 1 28 ? -9.563  2.086   5.935   1.00 35.79 ? 889  SER A O   1 
ATOM   218 C  CB  . SER A 1 28 ? -8.702  0.559   8.459   1.00 31.69 ? 889  SER A CB  1 
ATOM   219 O  OG  . SER A 1 28 ? -8.913  -0.479  9.394   1.00 42.32 ? 889  SER A OG  1 
ATOM   220 N  N   . ARG A 1 29 ? -9.628  3.626   7.563   1.00 27.57 ? 890  ARG A N   1 
ATOM   221 C  CA  . ARG A 1 29 ? -9.130  4.685   6.696   1.00 25.10 ? 890  ARG A CA  1 
ATOM   222 C  C   . ARG A 1 29 ? -7.612  4.705   6.804   1.00 23.55 ? 890  ARG A C   1 
ATOM   223 O  O   . ARG A 1 29 ? -7.076  4.786   7.896   1.00 23.35 ? 890  ARG A O   1 
ATOM   224 C  CB  . ARG A 1 29 ? -9.724  6.037   7.081   1.00 26.91 ? 890  ARG A CB  1 
ATOM   225 C  CG  . ARG A 1 29 ? -9.131  7.231   6.359   1.00 27.27 ? 890  ARG A CG  1 
ATOM   226 C  CD  . ARG A 1 29 ? -9.967  8.485   6.596   1.00 30.93 ? 890  ARG A CD  1 
ATOM   227 N  NE  . ARG A 1 29 ? -9.218  9.704   6.317   1.00 30.30 ? 890  ARG A NE  1 
ATOM   228 C  CZ  . ARG A 1 29 ? -9.038  10.225  5.108   1.00 26.44 ? 890  ARG A CZ  1 
ATOM   229 N  NH1 . ARG A 1 29 ? -9.560  9.632   4.028   1.00 28.82 ? 890  ARG A NH1 1 
ATOM   230 N  NH2 . ARG A 1 29 ? -8.330  11.345  4.980   1.00 27.11 ? 890  ARG A NH2 1 
ATOM   231 N  N   . TRP A 1 30 ? -6.933  4.622   5.666   1.00 21.47 ? 891  TRP A N   1 
ATOM   232 C  CA  . TRP A 1 30 ? -5.481  4.710   5.623   1.00 18.75 ? 891  TRP A CA  1 
ATOM   233 C  C   . TRP A 1 30 ? -5.113  5.650   4.489   1.00 18.80 ? 891  TRP A C   1 
ATOM   234 O  O   . TRP A 1 30 ? -5.664  5.507   3.399   1.00 17.74 ? 891  TRP A O   1 
ATOM   235 C  CB  . TRP A 1 30 ? -4.850  3.337   5.379   1.00 18.56 ? 891  TRP A CB  1 
ATOM   236 C  CG  . TRP A 1 30 ? -3.348  3.326   5.512   1.00 18.94 ? 891  TRP A CG  1 
ATOM   237 C  CD1 . TRP A 1 30 ? -2.625  2.952   6.617   1.00 16.70 ? 891  TRP A CD1 1 
ATOM   238 C  CD2 . TRP A 1 30 ? -2.385  3.702   4.512   1.00 17.61 ? 891  TRP A CD2 1 
ATOM   239 N  NE1 . TRP A 1 30 ? -1.282  3.077   6.368   1.00 18.22 ? 891  TRP A NE1 1 
ATOM   240 C  CE2 . TRP A 1 30 ? -1.103  3.544   5.088   1.00 17.43 ? 891  TRP A CE2 1 
ATOM   241 C  CE3 . TRP A 1 30 ? -2.481  4.169   3.196   1.00 18.51 ? 891  TRP A CE3 1 
ATOM   242 C  CZ2 . TRP A 1 30 ? 0.077   3.813   4.384   1.00 17.29 ? 891  TRP A CZ2 1 
ATOM   243 C  CZ3 . TRP A 1 30 ? -1.293  4.456   2.500   1.00 17.10 ? 891  TRP A CZ3 1 
ATOM   244 C  CH2 . TRP A 1 30 ? -0.039  4.270   3.097   1.00 16.19 ? 891  TRP A CH2 1 
ATOM   245 N  N   . ILE A 1 31 ? -4.201  6.592   4.744   1.00 16.93 ? 892  ILE A N   1 
ATOM   246 C  CA  . ILE A 1 31 ? -3.749  7.523   3.710   1.00 16.95 ? 892  ILE A CA  1 
ATOM   247 C  C   . ILE A 1 31 ? -2.230  7.598   3.671   1.00 16.20 ? 892  ILE A C   1 
ATOM   248 O  O   . ILE A 1 31 ? -1.554  7.166   4.599   1.00 16.96 ? 892  ILE A O   1 
ATOM   249 C  CB  . ILE A 1 31 ? -4.318  8.954   3.912   1.00 17.46 ? 892  ILE A CB  1 
ATOM   250 C  CG1 . ILE A 1 31 ? -3.877  9.531   5.260   1.00 18.55 ? 892  ILE A CG1 1 
ATOM   251 C  CG2 . ILE A 1 31 ? -5.839  8.935   3.831   1.00 19.24 ? 892  ILE A CG2 1 
ATOM   252 C  CD1 . ILE A 1 31 ? -4.255  11.019  5.471   1.00 20.80 ? 892  ILE A CD1 1 
ATOM   253 N  N   . CYS A 1 32 ? -1.701  8.155   2.586   1.00 17.52 ? 893  CYS A N   1 
ATOM   254 C  CA  . CYS A 1 32 ? -0.260  8.216   2.359   1.00 18.92 ? 893  CYS A CA  1 
ATOM   255 C  C   . CYS A 1 32 ? 0.519   8.733   3.564   1.00 17.76 ? 893  CYS A C   1 
ATOM   256 O  O   . CYS A 1 32 ? 1.544   8.158   3.930   1.00 18.70 ? 893  CYS A O   1 
ATOM   257 C  CB  . CYS A 1 32 ? 0.043   9.091   1.139   1.00 17.22 ? 893  CYS A CB  1 
ATOM   258 S  SG  . CYS A 1 32 ? -0.504  8.349   -0.433  1.00 18.20 ? 893  CYS A SG  1 
ATOM   259 N  N   . MET A 1 33 ? 0.026   9.784   4.205   1.00 20.03 ? 894  MET A N   1 
ATOM   260 C  CA  . MET A 1 33 ? 0.765   10.357  5.329   1.00 22.76 ? 894  MET A CA  1 
ATOM   261 C  C   . MET A 1 33 ? 0.938   9.388   6.504   1.00 24.24 ? 894  MET A C   1 
ATOM   262 O  O   . MET A 1 33 ? 1.822   9.589   7.344   1.00 22.34 ? 894  MET A O   1 
ATOM   263 C  CB  . MET A 1 33 ? 0.091   11.636  5.811   1.00 22.86 ? 894  MET A CB  1 
ATOM   264 C  CG  . MET A 1 33 ? 0.472   12.870  4.988   1.00 30.88 ? 894  MET A CG  1 
ATOM   265 S  SD  . MET A 1 33 ? -0.188  14.371  5.728   1.00 43.02 ? 894  MET A SD  1 
ATOM   266 C  CE  . MET A 1 33 ? -0.983  13.678  7.184   1.00 32.32 ? 894  MET A CE  1 
ATOM   267 N  N   . ASN A 1 34 ? 0.107   8.343   6.561   1.00 19.33 ? 895  ASN A N   1 
ATOM   268 C  CA  . ASN A 1 34 ? 0.253   7.309   7.589   1.00 19.22 ? 895  ASN A CA  1 
ATOM   269 C  C   . ASN A 1 34 ? 1.434   6.365   7.340   1.00 20.40 ? 895  ASN A C   1 
ATOM   270 O  O   . ASN A 1 34 ? 1.766   5.543   8.194   1.00 19.79 ? 895  ASN A O   1 
ATOM   271 C  CB  . ASN A 1 34 ? -1.016  6.451   7.690   1.00 19.37 ? 895  ASN A CB  1 
ATOM   272 C  CG  . ASN A 1 34 ? -2.276  7.269   7.926   1.00 19.81 ? 895  ASN A CG  1 
ATOM   273 O  OD1 . ASN A 1 34 ? -3.375  6.864   7.511   1.00 21.59 ? 895  ASN A OD1 1 
ATOM   274 N  ND2 . ASN A 1 34 ? -2.139  8.407   8.594   1.00 20.22 ? 895  ASN A ND2 1 
ATOM   275 N  N   . ASN A 1 35 ? 2.024   6.457   6.150   1.00 18.84 ? 896  ASN A N   1 
ATOM   276 C  CA  . ASN A 1 35 ? 3.134   5.610   5.737   1.00 20.91 ? 896  ASN A CA  1 
ATOM   277 C  C   . ASN A 1 35 ? 4.422   5.973   6.482   1.00 20.53 ? 896  ASN A C   1 
ATOM   278 O  O   . ASN A 1 35 ? 4.825   7.135   6.491   1.00 21.27 ? 896  ASN A O   1 
ATOM   279 C  CB  . ASN A 1 35 ? 3.349   5.764   4.223   1.00 20.65 ? 896  ASN A CB  1 
ATOM   280 C  CG  . ASN A 1 35 ? 4.188   4.663   3.613   1.00 20.17 ? 896  ASN A CG  1 
ATOM   281 O  OD1 . ASN A 1 35 ? 4.763   3.831   4.310   1.00 21.19 ? 896  ASN A OD1 1 
ATOM   282 N  ND2 . ASN A 1 35 ? 4.279   4.668   2.280   1.00 21.18 ? 896  ASN A ND2 1 
ATOM   283 N  N   . SER A 1 36 ? 5.085   4.987   7.077   1.00 22.46 ? 897  SER A N   1 
ATOM   284 C  CA  . SER A 1 36 ? 6.350   5.264   7.759   1.00 22.65 ? 897  SER A CA  1 
ATOM   285 C  C   . SER A 1 36 ? 7.490   5.440   6.770   1.00 24.72 ? 897  SER A C   1 
ATOM   286 O  O   . SER A 1 36 ? 8.553   5.947   7.130   1.00 22.58 ? 897  SER A O   1 
ATOM   287 C  CB  . SER A 1 36 ? 6.682   4.151   8.749   1.00 27.80 ? 897  SER A CB  1 
ATOM   288 O  OG  . SER A 1 36 ? 5.752   4.172   9.823   1.00 29.48 ? 897  SER A OG  1 
ATOM   289 N  N   . ASP A 1 37 ? 7.264   5.022   5.526   1.00 20.71 ? 898  ASP A N   1 
ATOM   290 C  CA  . ASP A 1 37 ? 8.271   5.126   4.468   1.00 21.52 ? 898  ASP A CA  1 
ATOM   291 C  C   . ASP A 1 37 ? 8.137   6.496   3.810   1.00 21.90 ? 898  ASP A C   1 
ATOM   292 O  O   . ASP A 1 37 ? 7.234   6.707   3.018   1.00 21.80 ? 898  ASP A O   1 
ATOM   293 C  CB  . ASP A 1 37 ? 8.082   3.986   3.458   1.00 22.03 ? 898  ASP A CB  1 
ATOM   294 C  CG  . ASP A 1 37 ? 8.992   4.085   2.246   1.00 26.30 ? 898  ASP A CG  1 
ATOM   295 O  OD1 . ASP A 1 37 ? 9.877   4.971   2.176   1.00 26.02 ? 898  ASP A OD1 1 
ATOM   296 O  OD2 . ASP A 1 37 ? 8.809   3.235   1.346   1.00 26.44 ? 898  ASP A OD2 1 
ATOM   297 N  N   . LYS A 1 38 ? 9.028   7.426   4.144   1.00 21.55 ? 899  LYS A N   1 
ATOM   298 C  CA  . LYS A 1 38 ? 8.814   8.822   3.754   1.00 20.68 ? 899  LYS A CA  1 
ATOM   299 C  C   . LYS A 1 38 ? 9.249   9.152   2.311   1.00 20.73 ? 899  LYS A C   1 
ATOM   300 O  O   . LYS A 1 38 ? 9.172   10.306  1.868   1.00 20.82 ? 899  LYS A O   1 
ATOM   301 C  CB  . LYS A 1 38 ? 9.500   9.745   4.764   1.00 20.88 ? 899  LYS A CB  1 
ATOM   302 C  CG  . LYS A 1 38 ? 8.927   9.607   6.185   1.00 21.48 ? 899  LYS A CG  1 
ATOM   303 C  CD  . LYS A 1 38 ? 7.400   9.732   6.205   1.00 23.98 ? 899  LYS A CD  1 
ATOM   304 C  CE  . LYS A 1 38 ? 6.822   9.533   7.611   1.00 24.22 ? 899  LYS A CE  1 
ATOM   305 N  NZ  . LYS A 1 38 ? 5.323   9.593   7.621   1.00 27.50 ? 899  LYS A NZ  1 
ATOM   306 N  N   . ARG A 1 39 ? 9.658   8.135   1.563   1.00 19.92 ? 900  ARG A N   1 
ATOM   307 C  CA  . ARG A 1 39 ? 9.746   8.274   0.107   1.00 22.29 ? 900  ARG A CA  1 
ATOM   308 C  C   . ARG A 1 39 ? 8.342   8.417   -0.501  1.00 23.77 ? 900  ARG A C   1 
ATOM   309 O  O   . ARG A 1 39 ? 8.164   9.032   -1.552  1.00 21.28 ? 900  ARG A O   1 
ATOM   310 C  CB  . ARG A 1 39 ? 10.445  7.069   -0.527  1.00 22.32 ? 900  ARG A CB  1 
ATOM   311 C  CG  . ARG A 1 39 ? 11.874  6.820   -0.071  1.00 26.06 ? 900  ARG A CG  1 
ATOM   312 C  CD  . ARG A 1 39 ? 12.397  5.506   -0.670  1.00 28.20 ? 900  ARG A CD  1 
ATOM   313 N  NE  . ARG A 1 39 ? 11.555  4.374   -0.283  1.00 29.58 ? 900  ARG A NE  1 
ATOM   314 C  CZ  . ARG A 1 39 ? 11.649  3.156   -0.812  1.00 32.20 ? 900  ARG A CZ  1 
ATOM   315 N  NH1 . ARG A 1 39 ? 12.552  2.905   -1.751  1.00 33.76 ? 900  ARG A NH1 1 
ATOM   316 N  NH2 . ARG A 1 39 ? 10.835  2.188   -0.405  1.00 31.08 ? 900  ARG A NH2 1 
ATOM   317 N  N   . PHE A 1 40 ? 7.353   7.826   0.164   1.00 21.82 ? 901  PHE A N   1 
ATOM   318 C  CA  . PHE A 1 40 ? 6.014   7.666   -0.407  1.00 21.06 ? 901  PHE A CA  1 
ATOM   319 C  C   . PHE A 1 40 ? 4.911   8.008   0.593   1.00 21.84 ? 901  PHE A C   1 
ATOM   320 O  O   . PHE A 1 40 ? 3.965   7.234   0.764   1.00 22.54 ? 901  PHE A O   1 
ATOM   321 C  CB  . PHE A 1 40 ? 5.820   6.226   -0.900  1.00 20.31 ? 901  PHE A CB  1 
ATOM   322 C  CG  . PHE A 1 40 ? 6.814   5.800   -1.939  1.00 21.37 ? 901  PHE A CG  1 
ATOM   323 C  CD1 . PHE A 1 40 ? 6.772   6.331   -3.225  1.00 24.13 ? 901  PHE A CD1 1 
ATOM   324 C  CD2 . PHE A 1 40 ? 7.788   4.858   -1.641  1.00 24.74 ? 901  PHE A CD2 1 
ATOM   325 C  CE1 . PHE A 1 40 ? 7.689   5.932   -4.189  1.00 24.68 ? 901  PHE A CE1 1 
ATOM   326 C  CE2 . PHE A 1 40 ? 8.711   4.458   -2.607  1.00 24.45 ? 901  PHE A CE2 1 
ATOM   327 C  CZ  . PHE A 1 40 ? 8.662   5.000   -3.878  1.00 24.49 ? 901  PHE A CZ  1 
ATOM   328 N  N   . ALA A 1 41 ? 5.029   9.162   1.241   1.00 19.58 ? 902  ALA A N   1 
ATOM   329 C  CA  . ALA A 1 41 ? 4.171   9.465   2.380   1.00 20.34 ? 902  ALA A CA  1 
ATOM   330 C  C   . ALA A 1 41 ? 3.405   10.778  2.258   1.00 20.12 ? 902  ALA A C   1 
ATOM   331 O  O   . ALA A 1 41 ? 3.080   11.399  3.255   1.00 21.49 ? 902  ALA A O   1 
ATOM   332 C  CB  . ALA A 1 41 ? 5.000   9.459   3.670   1.00 19.96 ? 902  ALA A CB  1 
ATOM   333 N  N   . ASP A 1 42 ? 3.119   11.201  1.034   1.00 19.06 ? 903  ASP A N   1 
ATOM   334 C  CA  . ASP A 1 42 ? 2.037   12.158  0.842   1.00 19.74 ? 903  ASP A CA  1 
ATOM   335 C  C   . ASP A 1 42 ? 1.461   11.889  -0.534  1.00 21.23 ? 903  ASP A C   1 
ATOM   336 O  O   . ASP A 1 42 ? 2.083   11.198  -1.347  1.00 18.82 ? 903  ASP A O   1 
ATOM   337 C  CB  . ASP A 1 42 ? 2.496   13.622  1.044   1.00 20.87 ? 903  ASP A CB  1 
ATOM   338 C  CG  . ASP A 1 42 ? 3.406   14.138  -0.055  1.00 25.11 ? 903  ASP A CG  1 
ATOM   339 O  OD1 . ASP A 1 42 ? 2.945   14.288  -1.205  1.00 26.02 ? 903  ASP A OD1 1 
ATOM   340 O  OD2 . ASP A 1 42 ? 4.577   14.456  0.242   1.00 26.00 ? 903  ASP A OD2 1 
ATOM   341 N  N   . CYS A 1 43 ? 0.251   12.384  -0.780  1.00 20.12 ? 904  CYS A N   1 
ATOM   342 C  CA  . CYS A 1 43 ? -0.467  11.983  -1.981  1.00 19.34 ? 904  CYS A CA  1 
ATOM   343 C  C   . CYS A 1 43 ? 0.156   12.505  -3.270  1.00 22.74 ? 904  CYS A C   1 
ATOM   344 O  O   . CYS A 1 43 ? -0.215  12.048  -4.341  1.00 22.97 ? 904  CYS A O   1 
ATOM   345 C  CB  . CYS A 1 43 ? -1.929  12.425  -1.890  1.00 20.42 ? 904  CYS A CB  1 
ATOM   346 S  SG  . CYS A 1 43 ? -2.836  11.572  -0.580  1.00 18.50 ? 904  CYS A SG  1 
ATOM   347 N  N   . SER A 1 44 ? 1.114   13.429  -3.173  1.00 22.08 ? 905  SER A N   1 
ATOM   348 C  CA  . SER A 1 44 ? 1.766   13.938  -4.385  1.00 23.76 ? 905  SER A CA  1 
ATOM   349 C  C   . SER A 1 44 ? 2.835   12.982  -4.912  1.00 25.59 ? 905  SER A C   1 
ATOM   350 O  O   . SER A 1 44 ? 3.199   13.049  -6.083  1.00 28.87 ? 905  SER A O   1 
ATOM   351 C  CB  . SER A 1 44 ? 2.381   15.328  -4.143  1.00 26.20 ? 905  SER A CB  1 
ATOM   352 O  OG  . SER A 1 44 ? 3.605   15.256  -3.417  1.00 27.48 ? 905  SER A OG  1 
ATOM   353 N  N   . LYS A 1 45 ? 3.334   12.090  -4.063  1.00 18.76 ? 906  LYS A N   1 
ATOM   354 C  CA  . LYS A 1 45 ? 4.418   11.208  -4.462  1.00 21.61 ? 906  LYS A CA  1 
ATOM   355 C  C   . LYS A 1 45 ? 3.927   10.149  -5.448  1.00 24.91 ? 906  LYS A C   1 
ATOM   356 O  O   . LYS A 1 45 ? 2.938   9.465   -5.194  1.00 20.25 ? 906  LYS A O   1 
ATOM   357 C  CB  . LYS A 1 45 ? 5.046   10.540  -3.232  1.00 21.64 ? 906  LYS A CB  1 
ATOM   358 C  CG  . LYS A 1 45 ? 5.644   11.517  -2.217  1.00 21.93 ? 906  LYS A CG  1 
ATOM   359 C  CD  . LYS A 1 45 ? 6.721   12.392  -2.869  1.00 24.82 ? 906  LYS A CD  1 
ATOM   360 C  CE  . LYS A 1 45 ? 7.389   13.306  -1.847  1.00 28.98 ? 906  LYS A CE  1 
ATOM   361 N  NZ  . LYS A 1 45 ? 8.154   12.546  -0.829  1.00 31.84 ? 906  LYS A NZ  1 
ATOM   362 N  N   . SER A 1 46 ? 4.612   10.007  -6.576  1.00 21.88 ? 907  SER A N   1 
ATOM   363 C  CA  . SER A 1 46 ? 4.229   8.975   -7.529  1.00 21.78 ? 907  SER A CA  1 
ATOM   364 C  C   . SER A 1 46 ? 4.249   7.586   -6.897  1.00 21.55 ? 907  SER A C   1 
ATOM   365 O  O   . SER A 1 46 ? 4.983   7.321   -5.937  1.00 21.66 ? 907  SER A O   1 
ATOM   366 C  CB  . SER A 1 46 ? 5.147   9.011   -8.753  1.00 25.50 ? 907  SER A CB  1 
ATOM   367 O  OG  . SER A 1 46 ? 4.985   10.246  -9.426  1.00 27.36 ? 907  SER A OG  1 
ATOM   368 N  N   . GLN A 1 47 ? 3.404   6.705   -7.415  1.00 19.93 ? 908  GLN A N   1 
ATOM   369 C  CA  . GLN A 1 47 ? 3.405   5.323   -6.975  1.00 21.22 ? 908  GLN A CA  1 
ATOM   370 C  C   . GLN A 1 47 ? 4.745   4.654   -7.284  1.00 22.50 ? 908  GLN A C   1 
ATOM   371 O  O   . GLN A 1 47 ? 5.353   4.905   -8.335  1.00 23.25 ? 908  GLN A O   1 
ATOM   372 C  CB  . GLN A 1 47 ? 2.254   4.568   -7.640  1.00 21.14 ? 908  GLN A CB  1 
ATOM   373 C  CG  . GLN A 1 47 ? 2.064   3.155   -7.151  1.00 21.24 ? 908  GLN A CG  1 
ATOM   374 C  CD  . GLN A 1 47 ? 0.774   2.571   -7.669  1.00 19.61 ? 908  GLN A CD  1 
ATOM   375 O  OE1 . GLN A 1 47 ? -0.306  3.021   -7.299  1.00 18.52 ? 908  GLN A OE1 1 
ATOM   376 N  NE2 . GLN A 1 47 ? 0.877   1.595   -8.571  1.00 20.80 ? 908  GLN A NE2 1 
ATOM   377 N  N   . GLU A 1 48 ? 5.195   3.802   -6.375  1.00 21.49 ? 909  GLU A N   1 
ATOM   378 C  CA  . GLU A 1 48 ? 6.539   3.225   -6.442  1.00 23.95 ? 909  GLU A CA  1 
ATOM   379 C  C   . GLU A 1 48 ? 6.810   2.457   -7.737  1.00 24.44 ? 909  GLU A C   1 
ATOM   380 O  O   . GLU A 1 48 ? 7.879   2.597   -8.337  1.00 26.93 ? 909  GLU A O   1 
ATOM   381 C  CB  . GLU A 1 48 ? 6.778   2.299   -5.253  1.00 23.87 ? 909  GLU A CB  1 
ATOM   382 C  CG  . GLU A 1 48 ? 8.178   1.691   -5.239  1.00 26.31 ? 909  GLU A CG  1 
ATOM   383 C  CD  . GLU A 1 48 ? 8.402   0.784   -4.054  1.00 25.81 ? 909  GLU A CD  1 
ATOM   384 O  OE1 . GLU A 1 48 ? 7.618   0.861   -3.079  1.00 23.45 ? 909  GLU A OE1 1 
ATOM   385 O  OE2 . GLU A 1 48 ? 9.366   -0.013  -4.093  1.00 27.43 ? 909  GLU A OE2 1 
ATOM   386 N  N   . MET A 1 49 ? 5.847   1.648   -8.161  1.00 22.11 ? 910  MET A N   1 
ATOM   387 C  CA  . MET A 1 49 ? 5.962   0.907   -9.417  1.00 23.30 ? 910  MET A CA  1 
ATOM   388 C  C   . MET A 1 49 ? 4.569   0.680   -9.975  1.00 24.96 ? 910  MET A C   1 
ATOM   389 O  O   . MET A 1 49 ? 3.584   0.997   -9.304  1.00 23.41 ? 910  MET A O   1 
ATOM   390 C  CB  . MET A 1 49 ? 6.687   -0.420  -9.213  1.00 23.29 ? 910  MET A CB  1 
ATOM   391 C  CG  . MET A 1 49 ? 5.970   -1.384  -8.298  1.00 22.95 ? 910  MET A CG  1 
ATOM   392 S  SD  . MET A 1 49 ? 6.930   -2.881  -7.960  1.00 32.71 ? 910  MET A SD  1 
ATOM   393 C  CE  . MET A 1 49 ? 8.370   -2.173  -7.175  1.00 30.15 ? 910  MET A CE  1 
ATOM   394 N  N   . SER A 1 50 ? 4.474   0.152   -11.196 1.00 22.65 ? 911  SER A N   1 
ATOM   395 C  CA  . SER A 1 50 ? 3.162   -0.038  -11.820 1.00 24.33 ? 911  SER A CA  1 
ATOM   396 C  C   . SER A 1 50 ? 2.331   -1.082  -11.086 1.00 21.22 ? 911  SER A C   1 
ATOM   397 O  O   . SER A 1 50 ? 2.872   -1.934  -10.377 1.00 21.74 ? 911  SER A O   1 
ATOM   398 C  CB  . SER A 1 50 ? 3.313   -0.451  -13.283 1.00 25.33 ? 911  SER A CB  1 
ATOM   399 O  OG  . SER A 1 50 ? 3.720   -1.800  -13.369 1.00 24.80 ? 911  SER A OG  1 
ATOM   400 N  N   . ASN A 1 51 ? 1.014   -1.030  -11.271 1.00 19.44 ? 912  ASN A N   1 
ATOM   401 C  CA  . ASN A 1 51 ? 0.132   -2.020  -10.673 1.00 19.32 ? 912  ASN A CA  1 
ATOM   402 C  C   . ASN A 1 51 ? 0.485   -3.442  -11.072 1.00 21.97 ? 912  ASN A C   1 
ATOM   403 O  O   . ASN A 1 51 ? 0.448   -4.361  -10.250 1.00 19.94 ? 912  ASN A O   1 
ATOM   404 C  CB  . ASN A 1 51 ? -1.319  -1.729  -11.039 1.00 20.74 ? 912  ASN A CB  1 
ATOM   405 C  CG  . ASN A 1 51 ? -1.827  -0.457  -10.394 1.00 21.81 ? 912  ASN A CG  1 
ATOM   406 O  OD1 . ASN A 1 51 ? -1.329  -0.050  -9.342  1.00 22.20 ? 912  ASN A OD1 1 
ATOM   407 N  ND2 . ASN A 1 51 ? -2.821  0.171   -11.009 1.00 20.19 ? 912  ASN A ND2 1 
ATOM   408 N  N   . GLU A 1 52 ? 0.819   -3.622  -12.343 1.00 22.57 ? 913  GLU A N   1 
ATOM   409 C  CA  . GLU A 1 52 ? 1.151   -4.955  -12.819 1.00 28.44 ? 913  GLU A CA  1 
ATOM   410 C  C   . GLU A 1 52 ? 2.462   -5.450  -12.209 1.00 26.77 ? 913  GLU A C   1 
ATOM   411 O  O   . GLU A 1 52 ? 2.612   -6.645  -11.943 1.00 23.99 ? 913  GLU A O   1 
ATOM   412 C  CB  . GLU A 1 52 ? 1.217   -4.971  -14.342 1.00 27.80 ? 913  GLU A CB  1 
ATOM   413 C  CG  . GLU A 1 52 ? -0.157  -4.878  -14.994 1.00 31.16 ? 913  GLU A CG  1 
ATOM   414 C  CD  . GLU A 1 52 ? -0.689  -3.449  -15.130 1.00 27.72 ? 913  GLU A CD  1 
ATOM   415 O  OE1 . GLU A 1 52 ? 0.012   -2.478  -14.744 1.00 29.64 ? 913  GLU A OE1 1 
ATOM   416 O  OE2 . GLU A 1 52 ? -1.819  -3.305  -15.649 1.00 25.22 ? 913  GLU A OE2 1 
ATOM   417 N  N   . GLU A 1 53 ? 3.398   -4.532  -11.976 1.00 24.95 ? 914  GLU A N   1 
ATOM   418 C  CA  . GLU A 1 53 ? 4.660   -4.887  -11.322 1.00 26.94 ? 914  GLU A CA  1 
ATOM   419 C  C   . GLU A 1 53 ? 4.443   -5.253  -9.852  1.00 26.03 ? 914  GLU A C   1 
ATOM   420 O  O   . GLU A 1 53 ? 5.076   -6.182  -9.335  1.00 25.94 ? 914  GLU A O   1 
ATOM   421 C  CB  . GLU A 1 53 ? 5.669   -3.750  -11.456 1.00 25.99 ? 914  GLU A CB  1 
ATOM   422 C  CG  . GLU A 1 53 ? 6.203   -3.601  -12.886 1.00 30.13 ? 914  GLU A CG  1 
ATOM   423 C  CD  . GLU A 1 53 ? 7.124   -2.410  -13.056 1.00 37.98 ? 914  GLU A CD  1 
ATOM   424 O  OE1 . GLU A 1 53 ? 6.695   -1.257  -12.812 1.00 35.59 ? 914  GLU A OE1 1 
ATOM   425 O  OE2 . GLU A 1 53 ? 8.293   -2.632  -13.435 1.00 50.68 ? 914  GLU A OE2 1 
ATOM   426 N  N   . ILE A 1 54 ? 3.535   -4.541  -9.184  1.00 25.06 ? 915  ILE A N   1 
ATOM   427 C  CA  . ILE A 1 54 ? 3.185   -4.867  -7.806  1.00 22.53 ? 915  ILE A CA  1 
ATOM   428 C  C   . ILE A 1 54 ? 2.585   -6.264  -7.739  1.00 24.67 ? 915  ILE A C   1 
ATOM   429 O  O   . ILE A 1 54 ? 2.985   -7.078  -6.915  1.00 24.72 ? 915  ILE A O   1 
ATOM   430 C  CB  . ILE A 1 54 ? 2.172   -3.851  -7.206  1.00 21.20 ? 915  ILE A CB  1 
ATOM   431 C  CG1 . ILE A 1 54 ? 2.808   -2.479  -7.026  1.00 21.21 ? 915  ILE A CG1 1 
ATOM   432 C  CG2 . ILE A 1 54 ? 1.611   -4.351  -5.870  1.00 22.08 ? 915  ILE A CG2 1 
ATOM   433 C  CD1 . ILE A 1 54 ? 1.781   -1.384  -6.765  1.00 19.65 ? 915  ILE A CD1 1 
ATOM   434 N  N   . ASN A 1 55 ? 1.620   -6.539  -8.614  1.00 21.35 ? 916  ASN A N   1 
ATOM   435 C  CA  . ASN A 1 55 ? 0.946   -7.830  -8.595  1.00 24.99 ? 916  ASN A CA  1 
ATOM   436 C  C   . ASN A 1 55 ? 1.918   -8.960  -8.914  1.00 26.28 ? 916  ASN A C   1 
ATOM   437 O  O   . ASN A 1 55 ? 1.800   -10.057 -8.367  1.00 28.73 ? 916  ASN A O   1 
ATOM   438 C  CB  . ASN A 1 55 ? -0.224  -7.844  -9.575  1.00 23.76 ? 916  ASN A CB  1 
ATOM   439 C  CG  . ASN A 1 55 ? -1.302  -6.847  -9.206  1.00 24.39 ? 916  ASN A CG  1 
ATOM   440 O  OD1 . ASN A 1 55 ? -1.379  -6.389  -8.065  1.00 22.71 ? 916  ASN A OD1 1 
ATOM   441 N  ND2 . ASN A 1 55 ? -2.137  -6.496  -10.178 1.00 22.35 ? 916  ASN A ND2 1 
ATOM   442 N  N   . ALA A 1 56 ? 2.875   -8.692  -9.795  1.00 26.82 ? 917  ALA A N   1 
ATOM   443 C  CA  . ALA A 1 56 ? 3.903   -9.683  -10.113 1.00 26.99 ? 917  ALA A CA  1 
ATOM   444 C  C   . ALA A 1 56 ? 4.767   -9.992  -8.888  1.00 30.59 ? 917  ALA A C   1 
ATOM   445 O  O   . ALA A 1 56 ? 5.051   -11.161 -8.607  1.00 31.71 ? 917  ALA A O   1 
ATOM   446 C  CB  . ALA A 1 56 ? 4.762   -9.207  -11.267 1.00 29.42 ? 917  ALA A CB  1 
ATOM   447 N  N   . GLU A 1 57 ? 5.179   -8.951  -8.166  1.00 29.35 ? 918  GLU A N   1 
ATOM   448 C  CA  . GLU A 1 57 ? 5.968   -9.132  -6.943  1.00 29.91 ? 918  GLU A CA  1 
ATOM   449 C  C   . GLU A 1 57 ? 5.211   -9.965  -5.922  1.00 33.07 ? 918  GLU A C   1 
ATOM   450 O  O   . GLU A 1 57 ? 5.805   -10.775 -5.209  1.00 34.15 ? 918  GLU A O   1 
ATOM   451 C  CB  . GLU A 1 57 ? 6.343   -7.780  -6.331  1.00 31.56 ? 918  GLU A CB  1 
ATOM   452 C  CG  . GLU A 1 57 ? 7.834   -7.575  -6.149  1.00 35.80 ? 918  GLU A CG  1 
ATOM   453 C  CD  . GLU A 1 57 ? 8.167   -6.273  -5.446  1.00 35.49 ? 918  GLU A CD  1 
ATOM   454 O  OE1 . GLU A 1 57 ? 7.716   -6.086  -4.297  1.00 34.61 ? 918  GLU A OE1 1 
ATOM   455 O  OE2 . GLU A 1 57 ? 8.875   -5.434  -6.051  1.00 42.57 ? 918  GLU A OE2 1 
ATOM   456 N  N   . LEU A 1 58 ? 3.897   -9.766  -5.859  1.00 27.85 ? 919  LEU A N   1 
ATOM   457 C  CA  . LEU A 1 58 ? 3.041   -10.488 -4.927  1.00 29.67 ? 919  LEU A CA  1 
ATOM   458 C  C   . LEU A 1 58 ? 2.678   -11.883 -5.423  1.00 30.31 ? 919  LEU A C   1 
ATOM   459 O  O   . LEU A 1 58 ? 2.170   -12.705 -4.664  1.00 33.71 ? 919  LEU A O   1 
ATOM   460 C  CB  . LEU A 1 58 ? 1.756   -9.703  -4.668  1.00 29.81 ? 919  LEU A CB  1 
ATOM   461 C  CG  . LEU A 1 58 ? 1.859   -8.349  -3.963  1.00 28.08 ? 919  LEU A CG  1 
ATOM   462 C  CD1 . LEU A 1 58 ? 0.462   -7.758  -3.845  1.00 25.76 ? 919  LEU A CD1 1 
ATOM   463 C  CD2 . LEU A 1 58 ? 2.528   -8.467  -2.591  1.00 28.47 ? 919  LEU A CD2 1 
ATOM   464 N  N   . GLY A 1 59 ? 2.924   -12.137 -6.705  1.00 33.93 ? 920  GLY A N   1 
ATOM   465 C  CA  . GLY A 1 59 ? 2.562   -13.403 -7.313  1.00 34.97 ? 920  GLY A CA  1 
ATOM   466 C  C   . GLY A 1 59 ? 1.065   -13.572 -7.480  1.00 36.98 ? 920  GLY A C   1 
ATOM   467 O  O   . GLY A 1 59 ? 0.543   -14.687 -7.404  1.00 40.17 ? 920  GLY A O   1 
ATOM   468 N  N   . ILE A 1 60 ? 0.362   -12.463 -7.696  1.00 34.07 ? 921  ILE A N   1 
ATOM   469 C  CA  . ILE A 1 60 ? -1.071  -12.520 -7.962  1.00 34.28 ? 921  ILE A CA  1 
ATOM   470 C  C   . ILE A 1 60 ? -1.398  -11.941 -9.338  1.00 34.41 ? 921  ILE A C   1 
ATOM   471 O  O   . ILE A 1 60 ? -2.526  -12.086 -9.816  1.00 35.09 ? 921  ILE A O   1 
ATOM   472 C  CB  . ILE A 1 60 ? -1.885  -11.771 -6.899  1.00 34.38 ? 921  ILE A CB  1 
ATOM   473 C  CG1 . ILE A 1 60 ? -1.662  -10.262 -7.025  1.00 30.43 ? 921  ILE A CG1 1 
ATOM   474 C  CG2 . ILE A 1 60 ? -1.517  -12.270 -5.503  1.00 34.57 ? 921  ILE A CG2 1 
ATOM   475 C  CD1 . ILE A 1 60 ? -2.437  -9.437  -6.015  1.00 28.40 ? 921  ILE A CD1 1 
ATOM   476 N  N   . ALA B 2 1  ? -9.655  0.254   4.280   1.00 32.91 ? 1    ALA C N   1 
ATOM   477 C  CA  . ALA B 2 1  ? -8.749  0.473   3.160   1.00 26.68 ? 1    ALA C CA  1 
ATOM   478 C  C   . ALA B 2 1  ? -8.507  -0.839  2.428   1.00 29.78 ? 1    ALA C C   1 
ATOM   479 O  O   . ALA B 2 1  ? -8.536  -1.912  3.040   1.00 28.33 ? 1    ALA C O   1 
ATOM   480 C  CB  . ALA B 2 1  ? -7.433  1.085   3.650   1.00 24.74 ? 1    ALA C CB  1 
ATOM   481 N  N   . ARG B 2 2  ? -8.300  -0.766  1.117   1.00 25.37 ? 2    ARG C N   1 
ATOM   482 C  CA  . ARG B 2 2  ? -8.010  -1.960  0.339   1.00 26.39 ? 2    ARG C CA  1 
ATOM   483 C  C   . ARG B 2 2  ? -6.542  -2.340  0.483   1.00 24.84 ? 2    ARG C C   1 
ATOM   484 O  O   . ARG B 2 2  ? -5.669  -1.466  0.475   1.00 22.81 ? 2    ARG C O   1 
ATOM   485 C  CB  . ARG B 2 2  ? -8.351  -1.750  -1.141  1.00 26.56 ? 2    ARG C CB  1 
ATOM   486 C  CG  . ARG B 2 2  ? -9.732  -1.147  -1.393  1.00 30.85 ? 2    ARG C CG  1 
ATOM   487 C  CD  . ARG B 2 2  ? -10.802 -2.208  -1.662  1.00 39.54 ? 2    ARG C CD  1 
ATOM   488 N  NE  . ARG B 2 2  ? -12.095 -1.601  -1.993  1.00 43.91 ? 2    ARG C NE  1 
ATOM   489 C  CZ  . ARG B 2 2  ? -12.520 -1.336  -3.229  1.00 43.41 ? 2    ARG C CZ  1 
ATOM   490 N  NH1 . ARG B 2 2  ? -11.760 -1.627  -4.288  1.00 38.38 ? 2    ARG C NH1 1 
ATOM   491 N  NH2 . ARG B 2 2  ? -13.714 -0.780  -3.412  1.00 41.50 ? 2    ARG C NH2 1 
ATOM   492 N  N   . THR B 2 3  ? -6.273  -3.639  0.618   1.00 22.14 ? 3    THR C N   1 
ATOM   493 C  CA  . THR B 2 3  ? -4.901  -4.142  0.670   1.00 20.37 ? 3    THR C CA  1 
ATOM   494 C  C   . THR B 2 3  ? -4.685  -5.310  -0.289  1.00 23.91 ? 3    THR C C   1 
ATOM   495 O  O   . THR B 2 3  ? -5.643  -5.974  -0.697  1.00 25.90 ? 3    THR C O   1 
ATOM   496 C  CB  . THR B 2 3  ? -4.514  -4.622  2.078   1.00 24.41 ? 3    THR C CB  1 
ATOM   497 O  OG1 . THR B 2 3  ? -5.361  -5.725  2.442   1.00 26.19 ? 3    THR C OG1 1 
ATOM   498 C  CG2 . THR B 2 3  ? -4.642  -3.491  3.109   1.00 22.87 ? 3    THR C CG2 1 
HETATM 499 N  N   . MLZ B 2 4  ? -3.425  -5.550  -0.645  1.00 23.42 ? 4    MLZ C N   1 
HETATM 500 C  CA  . MLZ B 2 4  ? -3.062  -6.678  -1.438  1.00 25.11 ? 4    MLZ C CA  1 
HETATM 501 C  CB  . MLZ B 2 4  ? -2.743  -6.253  -2.876  1.00 25.81 ? 4    MLZ C CB  1 
HETATM 502 C  CG  . MLZ B 2 4  ? -3.976  -5.737  -3.602  1.00 27.48 ? 4    MLZ C CG  1 
HETATM 503 C  CD  . MLZ B 2 4  ? -3.724  -5.624  -5.127  1.00 24.71 ? 4    MLZ C CD  1 
HETATM 504 C  CE  . MLZ B 2 4  ? -2.770  -4.480  -5.461  1.00 22.52 ? 4    MLZ C CE  1 
HETATM 505 N  NZ  . MLZ B 2 4  ? -2.718  -4.270  -6.903  1.00 19.93 ? 4    MLZ C NZ  1 
HETATM 506 C  CM  . MLZ B 2 4  ? -1.852  -3.152  -7.197  1.00 21.08 ? 4    MLZ C CM  1 
HETATM 507 C  C   . MLZ B 2 4  ? -1.860  -7.319  -0.790  1.00 25.16 ? 4    MLZ C C   1 
HETATM 508 O  O   . MLZ B 2 4  ? -0.947  -6.617  -0.304  1.00 24.31 ? 4    MLZ C O   1 
ATOM   509 N  N   . GLN B 2 5  ? -1.815  -8.649  -0.773  1.00 29.71 ? 5    GLN C N   1 
ATOM   510 C  CA  . GLN B 2 5  ? -0.670  -9.345  -0.195  1.00 32.42 ? 5    GLN C CA  1 
ATOM   511 C  C   . GLN B 2 5  ? -0.408  -10.668 -0.905  1.00 33.99 ? 5    GLN C C   1 
ATOM   512 O  O   . GLN B 2 5  ? -1.231  -11.123 -1.692  1.00 33.83 ? 5    GLN C O   1 
ATOM   513 C  CB  . GLN B 2 5  ? -0.886  -9.580  1.302   1.00 34.19 ? 5    GLN C CB  1 
ATOM   514 C  CG  . GLN B 2 5  ? -2.161  -10.330 1.652   1.00 39.05 ? 5    GLN C CG  1 
ATOM   515 C  CD  . GLN B 2 5  ? -2.584  -10.094 3.100   1.00 43.57 ? 5    GLN C CD  1 
ATOM   516 O  OE1 . GLN B 2 5  ? -3.755  -9.845  3.388   1.00 43.57 ? 5    GLN C OE1 1 
ATOM   517 N  NE2 . GLN B 2 5  ? -1.624  -10.163 4.013   1.00 48.94 ? 5    GLN C NE2 1 
ATOM   518 N  N   . THR B 2 6  ? 0.737   -11.280 -0.619  1.00 33.32 ? 6    THR C N   1 
ATOM   519 C  CA  . THR B 2 6  ? 1.069   -12.583 -1.197  1.00 38.76 ? 6    THR C CA  1 
ATOM   520 C  C   . THR B 2 6  ? 0.089   -13.631 -0.687  1.00 42.47 ? 6    THR C C   1 
ATOM   521 O  O   . THR B 2 6  ? -0.324  -13.586 0.470   1.00 45.04 ? 6    THR C O   1 
ATOM   522 C  CB  . THR B 2 6  ? 2.509   -13.021 -0.848  1.00 41.91 ? 6    THR C CB  1 
ATOM   523 O  OG1 . THR B 2 6  ? 3.406   -11.913 -1.002  1.00 41.48 ? 6    THR C OG1 1 
ATOM   524 C  CG2 . THR B 2 6  ? 2.959   -14.165 -1.745  1.00 41.72 ? 6    THR C CG2 1 
ATOM   525 N  N   . ALA B 2 7  ? -0.303  -14.561 -1.552  1.00 47.72 ? 7    ALA C N   1 
ATOM   526 C  CA  . ALA B 2 7  ? -1.210  -15.630 -1.148  1.00 48.02 ? 7    ALA C CA  1 
ATOM   527 C  C   . ALA B 2 7  ? -0.438  -16.924 -0.898  1.00 46.85 ? 7    ALA C C   1 
ATOM   528 O  O   . ALA B 2 7  ? -0.434  -17.452 0.216   1.00 53.03 ? 7    ALA C O   1 
ATOM   529 C  CB  . ALA B 2 7  ? -2.287  -15.847 -2.204  1.00 49.60 ? 7    ALA C CB  1 
HETATM 530 ZN ZN  L ZN  C 3 .  ? -2.529  9.332   -1.060  0.88 21.71 ? 1001 ZN  A ZN  1 
HETATM 531 O  O   . HOH D 4 .  ? -9.186  -3.207  11.644  1.00 36.32 ? 1101 HOH A O   1 
HETATM 532 O  O   . HOH D 4 .  ? 0.634   -0.966  -16.596 1.00 32.84 ? 1102 HOH A O   1 
HETATM 533 O  O   . HOH D 4 .  ? -9.628  -0.553  11.789  1.00 35.65 ? 1103 HOH A O   1 
HETATM 534 O  O   . HOH D 4 .  ? 5.033   1.766   10.056  1.00 31.69 ? 1104 HOH A O   1 
HETATM 535 O  O   . HOH D 4 .  ? 1.554   -8.570  -13.291 1.00 31.21 ? 1105 HOH A O   1 
HETATM 536 O  O   . HOH D 4 .  ? 2.329   -9.663  1.539   1.00 38.36 ? 1106 HOH A O   1 
HETATM 537 O  O   . HOH D 4 .  ? 6.883   11.335  1.194   1.00 22.06 ? 1107 HOH A O   1 
HETATM 538 O  O   . HOH D 4 .  ? -5.399  -6.458  5.589   1.00 42.28 ? 1108 HOH A O   1 
HETATM 539 O  O   . HOH D 4 .  ? -3.622  -9.868  -10.673 1.00 36.82 ? 1109 HOH A O   1 
HETATM 540 O  O   . HOH D 4 .  ? -10.459 -6.901  10.873  1.00 31.01 ? 1110 HOH A O   1 
HETATM 541 O  O   . HOH D 4 .  ? -7.664  5.938   10.188  1.00 27.23 ? 1111 HOH A O   1 
HETATM 542 O  O   . HOH D 4 .  ? -4.666  3.501   -8.263  1.00 24.11 ? 1112 HOH A O   1 
HETATM 543 O  O   . HOH D 4 .  ? -12.046 7.386   0.424   1.00 32.23 ? 1113 HOH A O   1 
HETATM 544 O  O   . HOH D 4 .  ? -8.079  2.084   0.338   1.00 21.80 ? 1114 HOH A O   1 
HETATM 545 O  O   . HOH D 4 .  ? -2.660  -0.854  12.017  1.00 30.50 ? 1115 HOH A O   1 
HETATM 546 O  O   . HOH D 4 .  ? -2.085  4.066   -9.003  1.00 27.13 ? 1116 HOH A O   1 
HETATM 547 O  O   . HOH D 4 .  ? 11.251  -0.025  -2.188  1.00 34.64 ? 1117 HOH A O   1 
HETATM 548 O  O   . HOH D 4 .  ? 6.290   13.821  2.203   1.00 24.76 ? 1118 HOH A O   1 
HETATM 549 O  O   . HOH D 4 .  ? 10.458  5.841   9.013   1.00 31.84 ? 1119 HOH A O   1 
HETATM 550 O  O   . HOH D 4 .  ? 5.746   1.499   5.215   1.00 29.10 ? 1120 HOH A O   1 
HETATM 551 O  O   . HOH D 4 .  ? 9.533   -5.540  -8.663  1.00 42.86 ? 1121 HOH A O   1 
HETATM 552 O  O   . HOH D 4 .  ? 9.241   9.215   -4.022  1.00 30.74 ? 1122 HOH A O   1 
HETATM 553 O  O   . HOH D 4 .  ? -12.190 0.292   11.706  1.00 34.52 ? 1123 HOH A O   1 
HETATM 554 O  O   . HOH D 4 .  ? 3.928   3.640   -3.770  1.00 20.04 ? 1124 HOH A O   1 
HETATM 555 O  O   . HOH D 4 .  ? 8.168   -7.156  9.759   1.00 45.24 ? 1125 HOH A O   1 
HETATM 556 O  O   . HOH D 4 .  ? 12.359  5.475   3.187   1.00 42.52 ? 1126 HOH A O   1 
HETATM 557 O  O   . HOH D 4 .  ? 0.099   -8.663  9.393   1.00 38.18 ? 1127 HOH A O   1 
HETATM 558 O  O   . HOH D 4 .  ? -7.843  -4.399  3.986   1.00 32.59 ? 1128 HOH A O   1 
HETATM 559 O  O   . HOH D 4 .  ? 5.600   -6.883  -2.758  1.00 30.96 ? 1129 HOH A O   1 
HETATM 560 O  O   . HOH D 4 .  ? 8.579   0.570   1.927   1.00 35.18 ? 1130 HOH A O   1 
HETATM 561 O  O   . HOH D 4 .  ? 5.545   2.266   -1.963  1.00 20.22 ? 1131 HOH A O   1 
HETATM 562 O  O   . HOH D 4 .  ? 11.093  0.243   -6.217  1.00 41.58 ? 1132 HOH A O   1 
HETATM 563 O  O   . HOH D 4 .  ? -3.621  9.270   -7.491  1.00 25.88 ? 1133 HOH A O   1 
HETATM 564 O  O   . HOH D 4 .  ? 9.973   4.239   -7.614  1.00 37.38 ? 1134 HOH A O   1 
HETATM 565 O  O   . HOH D 4 .  ? -11.448 1.789   1.084   1.00 37.80 ? 1135 HOH A O   1 
HETATM 566 O  O   . HOH D 4 .  ? -4.010  12.857  2.335   1.00 29.06 ? 1136 HOH A O   1 
HETATM 567 O  O   . HOH D 4 .  ? 7.650   -6.775  -10.175 1.00 35.19 ? 1137 HOH A O   1 
HETATM 568 O  O   . HOH D 4 .  ? -5.835  7.888   8.276   1.00 28.70 ? 1138 HOH A O   1 
HETATM 569 O  O   . HOH D 4 .  ? -0.009  9.922   9.625   1.00 25.67 ? 1139 HOH A O   1 
HETATM 570 O  O   . HOH D 4 .  ? 8.077   -3.511  3.172   1.00 35.07 ? 1140 HOH A O   1 
HETATM 571 O  O   . HOH D 4 .  ? 0.071   1.363   -12.456 1.00 23.99 ? 1141 HOH A O   1 
HETATM 572 O  O   . HOH D 4 .  ? 6.012   2.796   0.751   1.00 20.56 ? 1142 HOH A O   1 
HETATM 573 O  O   . HOH D 4 .  ? -1.761  -7.912  -12.634 1.00 30.06 ? 1143 HOH A O   1 
HETATM 574 O  O   . HOH D 4 .  ? -11.402 2.656   3.818   1.00 40.04 ? 1144 HOH A O   1 
HETATM 575 O  O   . HOH D 4 .  ? 14.971  4.278   -2.440  1.00 40.06 ? 1145 HOH A O   1 
HETATM 576 O  O   . HOH D 4 .  ? -4.220  -4.688  -14.865 1.00 24.92 ? 1146 HOH A O   1 
HETATM 577 O  O   . HOH D 4 .  ? 1.028   12.907  -7.979  1.00 42.07 ? 1147 HOH A O   1 
HETATM 578 O  O   . HOH D 4 .  ? 1.599   7.565   -9.508  1.00 27.25 ? 1148 HOH A O   1 
HETATM 579 O  O   . HOH D 4 .  ? 1.144   2.725   7.967   1.00 21.71 ? 1149 HOH A O   1 
HETATM 580 O  O   . HOH D 4 .  ? -4.957  -13.419 -8.929  1.00 36.79 ? 1150 HOH A O   1 
HETATM 581 O  O   . HOH D 4 .  ? 8.544   -11.818 -5.345  1.00 46.10 ? 1151 HOH A O   1 
HETATM 582 O  O   . HOH D 4 .  ? -11.732 -0.459  1.797   1.00 41.66 ? 1152 HOH A O   1 
HETATM 583 O  O   . HOH D 4 .  ? 3.958   2.201   7.431   1.00 23.40 ? 1153 HOH A O   1 
HETATM 584 O  O   . HOH D 4 .  ? -12.134 8.108   3.498   1.00 37.33 ? 1154 HOH A O   1 
HETATM 585 O  O   . HOH D 4 .  ? -2.206  3.097   -11.547 1.00 29.26 ? 1155 HOH A O   1 
HETATM 586 O  O   . HOH D 4 .  ? 7.036   -7.674  7.606   1.00 38.09 ? 1156 HOH A O   1 
HETATM 587 O  O   . HOH D 4 .  ? 4.221   18.295  -4.065  1.00 44.38 ? 1157 HOH A O   1 
HETATM 588 O  O   . HOH D 4 .  ? 6.498   -12.197 6.180   1.00 48.19 ? 1158 HOH A O   1 
HETATM 589 O  O   . HOH D 4 .  ? 14.385  0.310   -2.218  1.00 44.33 ? 1159 HOH A O   1 
HETATM 590 O  O   . HOH D 4 .  ? -7.437  9.678   -7.586  1.00 37.36 ? 1160 HOH A O   1 
HETATM 591 O  O   . HOH D 4 .  ? 3.269   -1.684  -16.620 1.00 37.02 ? 1161 HOH A O   1 
HETATM 592 O  O   . HOH D 4 .  ? -10.787 -6.910  5.692   1.00 41.61 ? 1162 HOH A O   1 
HETATM 593 O  O   . HOH D 4 .  ? -1.234  15.798  -3.444  1.00 32.65 ? 1163 HOH A O   1 
HETATM 594 O  O   . HOH D 4 .  ? -5.038  10.297  8.918   1.00 34.99 ? 1164 HOH A O   1 
HETATM 595 O  O   . HOH D 4 .  ? 12.053  1.712   -5.473  1.00 42.71 ? 1165 HOH A O   1 
HETATM 596 O  O   . HOH D 4 .  ? -12.020 5.363   4.462   1.00 36.08 ? 1166 HOH A O   1 
HETATM 597 O  O   . HOH D 4 .  ? 7.756   -0.791  3.754   1.00 41.47 ? 1167 HOH A O   1 
HETATM 598 O  O   . HOH D 4 .  ? -0.508  -10.537 -12.380 1.00 36.73 ? 1168 HOH A O   1 
HETATM 599 O  O   . HOH D 4 .  ? -12.884 2.932   11.324  1.00 40.80 ? 1169 HOH A O   1 
HETATM 600 O  O   . HOH D 4 .  ? 1.810   3.699   -11.743 1.00 37.85 ? 1170 HOH A O   1 
HETATM 601 O  O   . HOH D 4 .  ? 8.029   1.246   6.377   1.00 39.27 ? 1171 HOH A O   1 
HETATM 602 O  O   . HOH D 4 .  ? -9.125  -8.310  9.148   1.00 40.68 ? 1172 HOH A O   1 
HETATM 603 O  O   . HOH D 4 .  ? -7.869  7.565   -9.101  0.33 43.55 ? 1173 HOH A O   1 
HETATM 604 O  O   . HOH D 4 .  ? -6.385  -11.348 10.834  1.00 42.47 ? 1174 HOH A O   1 
HETATM 605 O  O   . HOH D 4 .  ? -1.021  6.859   -9.888  1.00 41.99 ? 1175 HOH A O   1 
HETATM 606 O  O   . HOH E 4 .  ? 0.239   -15.195 -3.881  1.00 50.16 ? 101  HOH C O   1 
HETATM 607 O  O   . HOH E 4 .  ? -4.982  -8.280  1.915   1.00 36.78 ? 102  HOH C O   1 
HETATM 608 O  O   . HOH E 4 .  ? -3.374  -12.484 -2.051  1.00 41.31 ? 103  HOH C O   1 
HETATM 609 O  O   . HOH E 4 .  ? -8.551  -5.296  0.811   1.00 36.72 ? 104  HOH C O   1 
HETATM 610 O  O   . HOH E 4 .  ? -15.385 1.105   -2.060  0.33 58.20 ? 105  HOH C O   1 
HETATM 611 O  O   . HOH E 4 .  ? -4.089  -9.872  -2.021  1.00 34.22 ? 106  HOH C O   1 
HETATM 612 O  O   . HOH E 4 .  ? -7.870  -6.054  -2.669  1.00 42.47 ? 107  HOH C O   1 
HETATM 613 O  O   . HOH E 4 .  ? -13.744 2.515   -3.597  0.33 35.16 ? 108  HOH C O   1 
HETATM 614 O  O   . HOH E 4 .  ? -8.880  -6.811  3.795   1.00 43.79 ? 109  HOH C O   1 
# 
